data_2PK2
#
_entry.id   2PK2
#
_cell.length_a   203.830
_cell.length_b   203.830
_cell.length_c   124.790
_cell.angle_alpha   90.00
_cell.angle_beta   90.00
_cell.angle_gamma   120.00
#
_symmetry.space_group_name_H-M   'H 3'
#
loop_
_entity.id
_entity.type
_entity.pdbx_description
1 polymer 'Cyclin-T1, Protein Tat'
2 water water
#
_entity_poly.entity_id   1
_entity_poly.type   'polypeptide(L)'
_entity_poly.pdbx_seq_one_letter_code
;MEGERKNNNKRWYFTREQLENSPSRRFGVDPDKELSYRQQAANLLQDMGQRLNVSQLTINTAIVYMHRFYMIQSFTRFPG
NSVAPAALFLAAKVEEQPKKLEHVIKVAHTCLHPQESLPDTRSEAYLQQVQDLVILESIILQTLGFELTIDHPHTHVVKC
TQLVRASKDLAQTSYFMATNSLHLTTFSLQYTPPVVACVCIHLACKWSNWEIPVSTDGKHWWEYVDATVTLELLDELTHE
FLQILEKTPNRLKRIWNWRACEAAKKTKADDRGTDEKTSEQGGTGGGSGGGSGGGSGGGTSGGVPGQNTGGQEARPNYHC
QLCFLRSLGIDYLDASLRKKNKQRLKAIQQGRQPQYLL
;
_entity_poly.pdbx_strand_id   A,B,C,D
#
# COMPACT_ATOMS: atom_id res chain seq x y z
N ASN A 8 -4.28 -4.01 15.11
CA ASN A 8 -5.57 -3.92 14.42
C ASN A 8 -5.62 -4.87 13.23
N ASN A 9 -5.04 -4.46 12.10
CA ASN A 9 -5.04 -5.25 10.89
C ASN A 9 -4.00 -6.38 10.93
N LYS A 10 -2.76 -5.93 10.76
CA LYS A 10 -1.57 -6.74 10.57
C LYS A 10 -0.33 -5.93 10.94
N ARG A 11 0.85 -6.51 10.83
CA ARG A 11 2.09 -5.84 11.18
C ARG A 11 2.24 -5.73 12.71
N TRP A 12 1.32 -6.37 13.39
CA TRP A 12 1.21 -6.56 14.82
C TRP A 12 1.07 -8.07 15.08
N TYR A 13 0.35 -8.70 14.16
CA TYR A 13 0.13 -10.12 14.10
C TYR A 13 1.20 -10.79 13.24
N PHE A 14 2.45 -10.60 13.65
CA PHE A 14 3.57 -11.23 12.97
C PHE A 14 3.40 -12.74 12.95
N THR A 15 4.04 -13.40 11.98
CA THR A 15 4.03 -14.85 11.90
C THR A 15 5.00 -15.46 12.91
N ARG A 16 4.83 -16.75 13.19
CA ARG A 16 5.76 -17.44 14.09
C ARG A 16 7.18 -17.40 13.52
N GLU A 17 7.25 -17.28 12.21
CA GLU A 17 8.52 -17.18 11.51
C GLU A 17 9.12 -15.78 11.71
N GLN A 18 8.24 -14.80 11.70
CA GLN A 18 8.56 -13.38 11.81
C GLN A 18 8.75 -12.94 13.26
N LEU A 19 8.74 -13.89 14.18
CA LEU A 19 8.98 -13.54 15.57
C LEU A 19 10.29 -14.17 16.06
N GLU A 20 10.44 -15.46 15.79
CA GLU A 20 11.64 -16.19 16.18
C GLU A 20 12.88 -15.58 15.55
N ASN A 21 12.71 -14.86 14.45
CA ASN A 21 13.82 -14.21 13.77
C ASN A 21 13.60 -12.70 13.73
N SER A 22 13.43 -12.14 14.93
CA SER A 22 13.23 -10.71 15.11
C SER A 22 14.47 -9.93 14.74
N PRO A 23 14.33 -8.62 14.55
CA PRO A 23 15.50 -7.78 14.28
C PRO A 23 16.55 -7.92 15.39
N SER A 24 16.09 -8.23 16.60
CA SER A 24 16.99 -8.54 17.70
C SER A 24 17.71 -9.86 17.46
N ARG A 25 17.18 -10.68 16.58
CA ARG A 25 17.79 -11.96 16.24
C ARG A 25 19.09 -11.74 15.47
N ARG A 26 18.97 -10.94 14.43
CA ARG A 26 19.95 -10.46 13.50
C ARG A 26 21.27 -10.02 14.14
N PHE A 27 21.22 -9.60 15.39
CA PHE A 27 22.43 -9.22 16.11
C PHE A 27 23.06 -10.41 16.83
N GLY A 28 22.23 -11.17 17.56
CA GLY A 28 22.73 -12.31 18.31
C GLY A 28 22.05 -12.43 19.67
N VAL A 29 20.73 -12.61 19.65
CA VAL A 29 19.96 -12.73 20.88
C VAL A 29 18.99 -13.91 20.78
N ASP A 30 19.07 -14.81 21.74
CA ASP A 30 18.20 -15.98 21.81
C ASP A 30 16.73 -15.59 21.80
N PRO A 31 15.91 -16.36 21.09
CA PRO A 31 14.46 -16.16 21.11
C PRO A 31 13.94 -16.15 22.56
N ASP A 32 14.46 -17.07 23.37
CA ASP A 32 14.07 -17.12 24.78
C ASP A 32 14.69 -15.97 25.55
N LYS A 33 15.91 -15.60 25.14
CA LYS A 33 16.58 -14.45 25.75
C LYS A 33 15.83 -13.17 25.47
N GLU A 34 15.61 -12.84 24.19
CA GLU A 34 14.81 -11.66 23.87
C GLU A 34 13.43 -11.77 24.55
N LEU A 35 12.95 -13.01 24.65
CA LEU A 35 11.74 -13.33 25.39
C LEU A 35 11.97 -13.11 26.89
N SER A 36 13.23 -13.23 27.30
CA SER A 36 13.64 -12.96 28.68
C SER A 36 13.77 -11.46 28.90
N TYR A 37 14.36 -10.80 27.91
CA TYR A 37 14.46 -9.34 27.84
C TYR A 37 13.07 -8.71 27.92
N ARG A 38 12.18 -9.14 27.04
CA ARG A 38 10.82 -8.67 26.95
C ARG A 38 10.14 -8.61 28.32
N GLN A 39 9.75 -9.77 28.82
CA GLN A 39 9.07 -9.92 30.10
C GLN A 39 9.77 -9.10 31.18
N GLN A 40 11.10 -9.18 31.21
CA GLN A 40 11.90 -8.39 32.13
C GLN A 40 11.69 -6.90 31.86
N ALA A 41 11.75 -6.53 30.59
CA ALA A 41 11.44 -5.17 30.16
C ALA A 41 9.99 -4.82 30.50
N ALA A 42 9.15 -5.84 30.52
CA ALA A 42 7.75 -5.68 30.91
C ALA A 42 7.64 -5.43 32.41
N ASN A 43 8.63 -5.90 33.16
CA ASN A 43 8.65 -5.68 34.60
C ASN A 43 8.88 -4.22 34.94
N LEU A 44 9.51 -3.50 34.03
CA LEU A 44 9.80 -2.09 34.19
C LEU A 44 8.63 -1.25 33.65
N LEU A 45 7.45 -1.88 33.76
CA LEU A 45 6.26 -1.28 33.16
C LEU A 45 4.98 -1.52 33.97
N GLN A 46 4.85 -2.71 34.55
CA GLN A 46 3.69 -3.00 35.38
C GLN A 46 4.01 -2.78 36.86
N ASP A 47 5.23 -3.15 37.25
CA ASP A 47 5.64 -2.97 38.63
C ASP A 47 6.22 -1.58 38.85
N MET A 48 6.31 -0.82 37.75
CA MET A 48 6.70 0.58 37.79
C MET A 48 5.45 1.46 37.80
N GLY A 49 4.53 1.18 36.88
CA GLY A 49 3.28 1.89 36.77
C GLY A 49 2.40 1.64 37.98
N GLN A 50 2.72 0.55 38.73
CA GLN A 50 2.02 0.21 39.96
C GLN A 50 2.32 1.24 41.05
N ARG A 51 3.38 2.04 40.79
CA ARG A 51 3.86 3.08 41.69
C ARG A 51 3.13 4.39 41.43
N LEU A 52 2.78 4.60 40.16
CA LEU A 52 2.24 5.87 39.69
C LEU A 52 0.74 5.96 39.92
N ASN A 53 0.15 4.87 40.40
CA ASN A 53 -1.31 4.83 40.59
C ASN A 53 -2.05 4.95 39.26
N VAL A 54 -1.43 4.49 38.18
CA VAL A 54 -2.06 4.55 36.87
C VAL A 54 -3.06 3.41 36.65
N SER A 55 -3.99 3.62 35.74
CA SER A 55 -5.04 2.66 35.44
C SER A 55 -4.49 1.33 34.96
N GLN A 56 -5.04 0.24 35.49
CA GLN A 56 -4.55 -1.11 35.20
C GLN A 56 -4.43 -1.36 33.71
N LEU A 57 -5.39 -0.86 32.94
CA LEU A 57 -5.38 -1.01 31.48
C LEU A 57 -4.40 -0.04 30.85
N THR A 58 -4.08 1.02 31.58
CA THR A 58 -3.22 2.10 31.10
C THR A 58 -1.79 1.62 30.92
N ILE A 59 -1.40 0.64 31.74
CA ILE A 59 -0.08 0.04 31.67
C ILE A 59 -0.05 -1.11 30.67
N ASN A 60 -1.10 -1.91 30.69
CA ASN A 60 -1.24 -3.03 29.77
C ASN A 60 -1.00 -2.59 28.33
N THR A 61 -1.55 -1.43 27.97
CA THR A 61 -1.39 -0.92 26.61
C THR A 61 0.07 -0.61 26.31
N ALA A 62 0.79 -0.19 27.34
CA ALA A 62 2.20 0.17 27.20
C ALA A 62 3.04 -1.05 26.86
N ILE A 63 2.88 -2.14 27.61
CA ILE A 63 3.52 -3.40 27.27
C ILE A 63 3.18 -3.80 25.84
N VAL A 64 1.97 -3.46 25.43
CA VAL A 64 1.56 -3.56 24.03
C VAL A 64 2.42 -2.68 23.14
N TYR A 65 2.83 -1.52 23.67
CA TYR A 65 3.72 -0.61 22.99
C TYR A 65 5.16 -1.13 23.01
N MET A 66 5.55 -1.64 24.17
CA MET A 66 6.88 -2.22 24.37
C MET A 66 7.04 -3.47 23.51
N HIS A 67 6.02 -4.33 23.53
CA HIS A 67 5.95 -5.51 22.71
C HIS A 67 6.03 -5.16 21.22
N ARG A 68 5.44 -4.04 20.85
CA ARG A 68 5.36 -3.63 19.45
C ARG A 68 6.63 -2.95 18.98
N PHE A 69 7.09 -2.01 19.81
CA PHE A 69 8.29 -1.22 19.57
C PHE A 69 9.42 -2.07 19.03
N TYR A 70 9.64 -3.24 19.62
CA TYR A 70 10.74 -4.11 19.25
C TYR A 70 10.44 -4.97 18.04
N MET A 71 9.43 -4.57 17.27
CA MET A 71 9.08 -5.34 16.06
C MET A 71 9.72 -4.70 14.84
N ILE A 72 10.60 -3.75 15.10
CA ILE A 72 11.36 -3.02 14.10
C ILE A 72 12.71 -2.59 14.66
N GLN A 73 12.81 -2.61 15.98
CA GLN A 73 14.01 -2.13 16.67
C GLN A 73 14.76 -3.28 17.34
N SER A 74 15.51 -2.97 18.40
CA SER A 74 16.31 -4.00 19.06
C SER A 74 16.40 -3.75 20.57
N PHE A 75 16.68 -4.82 21.30
CA PHE A 75 16.96 -4.76 22.73
C PHE A 75 18.43 -4.45 22.99
N THR A 76 19.26 -4.72 22.00
CA THR A 76 20.69 -4.46 22.04
C THR A 76 21.00 -2.97 21.94
N ARG A 77 20.29 -2.28 21.05
CA ARG A 77 20.46 -0.84 20.89
C ARG A 77 19.73 -0.08 21.99
N PHE A 78 18.41 -0.26 22.02
CA PHE A 78 17.55 0.35 23.01
C PHE A 78 17.24 -0.64 24.12
N PRO A 79 17.94 -0.55 25.24
CA PRO A 79 17.68 -1.43 26.37
C PRO A 79 16.40 -1.05 27.11
N GLY A 80 15.59 -2.05 27.42
CA GLY A 80 14.27 -1.88 28.00
C GLY A 80 14.30 -1.00 29.24
N ASN A 81 15.42 -1.07 29.94
CA ASN A 81 15.70 -0.29 31.15
C ASN A 81 15.23 1.15 31.00
N SER A 82 15.43 1.72 29.81
CA SER A 82 15.12 3.13 29.60
C SER A 82 13.92 3.32 28.68
N VAL A 83 13.66 2.32 27.83
CA VAL A 83 12.53 2.38 26.89
C VAL A 83 11.20 2.38 27.63
N ALA A 84 11.12 1.69 28.75
CA ALA A 84 9.91 1.57 29.54
C ALA A 84 9.34 2.92 29.92
N PRO A 85 10.10 3.83 30.50
CA PRO A 85 9.53 5.15 30.82
C PRO A 85 9.04 5.86 29.56
N ALA A 86 9.63 5.51 28.43
CA ALA A 86 9.15 6.03 27.14
C ALA A 86 7.78 5.47 26.81
N ALA A 87 7.65 4.15 26.93
CA ALA A 87 6.41 3.46 26.59
C ALA A 87 5.36 3.66 27.69
N LEU A 88 5.84 3.99 28.88
CA LEU A 88 4.99 4.29 30.02
C LEU A 88 4.52 5.74 29.97
N PHE A 89 4.84 6.41 28.85
CA PHE A 89 4.45 7.79 28.64
C PHE A 89 3.44 7.90 27.51
N LEU A 90 3.68 7.14 26.43
CA LEU A 90 2.74 7.05 25.33
C LEU A 90 1.42 6.44 25.78
N ALA A 91 1.51 5.43 26.63
CA ALA A 91 0.32 4.75 27.13
C ALA A 91 -0.51 5.70 28.00
N ALA A 92 0.18 6.35 28.93
CA ALA A 92 -0.43 7.29 29.87
C ALA A 92 -1.34 8.28 29.14
N LYS A 93 -0.74 9.21 28.42
CA LYS A 93 -1.45 10.23 27.66
C LYS A 93 -2.59 9.63 26.84
N VAL A 94 -2.29 8.55 26.13
CA VAL A 94 -3.27 7.84 25.33
C VAL A 94 -4.52 7.51 26.15
N GLU A 95 -4.28 7.07 27.38
CA GLU A 95 -5.33 6.62 28.29
C GLU A 95 -6.07 7.79 28.93
N GLU A 96 -6.09 8.95 28.26
CA GLU A 96 -6.83 10.08 28.80
C GLU A 96 -6.27 10.56 30.13
N GLN A 97 -5.05 10.16 30.45
CA GLN A 97 -4.42 10.45 31.74
C GLN A 97 -2.92 10.25 31.70
N PRO A 98 -2.21 11.25 31.24
CA PRO A 98 -0.75 11.19 31.16
C PRO A 98 -0.09 11.44 32.51
N LYS A 99 1.24 11.56 32.48
CA LYS A 99 1.98 11.84 33.72
C LYS A 99 3.06 12.90 33.44
N LYS A 100 3.59 13.47 34.52
CA LYS A 100 4.59 14.53 34.37
C LYS A 100 5.92 13.96 33.89
N LEU A 101 6.56 14.70 32.98
CA LEU A 101 7.81 14.21 32.39
C LEU A 101 8.86 13.99 33.46
N GLU A 102 8.77 14.75 34.55
CA GLU A 102 9.67 14.58 35.69
C GLU A 102 9.23 13.43 36.59
N HIS A 103 7.92 13.24 36.70
CA HIS A 103 7.40 12.15 37.53
C HIS A 103 7.47 10.81 36.79
N VAL A 104 7.28 10.88 35.47
CA VAL A 104 7.48 9.67 34.67
C VAL A 104 8.92 9.19 34.83
N ILE A 105 9.82 10.16 34.95
CA ILE A 105 11.24 9.87 35.07
C ILE A 105 11.65 9.75 36.54
N LYS A 106 10.86 10.36 37.42
CA LYS A 106 11.19 10.28 38.84
C LYS A 106 10.57 9.04 39.47
N VAL A 107 10.22 8.10 38.60
CA VAL A 107 9.71 6.78 38.94
C VAL A 107 10.75 5.73 38.54
N ALA A 108 11.53 6.10 37.54
CA ALA A 108 12.58 5.26 36.98
C ALA A 108 13.70 5.05 38.00
N HIS A 109 14.16 6.14 38.61
CA HIS A 109 15.26 6.04 39.56
C HIS A 109 14.93 5.06 40.68
N THR A 110 13.81 5.30 41.36
CA THR A 110 13.41 4.48 42.51
C THR A 110 13.17 3.02 42.10
N CYS A 111 12.96 2.80 40.81
CA CYS A 111 12.78 1.45 40.29
C CYS A 111 14.09 0.88 39.79
N LEU A 112 14.79 1.62 38.95
CA LEU A 112 16.08 1.24 38.42
C LEU A 112 17.18 1.34 39.48
N HIS A 113 17.38 2.55 39.99
CA HIS A 113 18.40 2.81 40.99
C HIS A 113 17.79 3.01 42.37
N PRO A 114 17.50 1.90 43.04
CA PRO A 114 16.83 1.92 44.33
C PRO A 114 17.79 2.19 45.48
N GLN A 115 19.01 2.61 45.16
CA GLN A 115 20.07 2.68 46.18
C GLN A 115 20.72 4.06 46.25
N GLU A 116 20.89 4.71 45.11
CA GLU A 116 21.52 6.04 45.12
C GLU A 116 20.60 7.06 45.79
N SER A 117 21.20 7.99 46.53
CA SER A 117 20.47 9.09 47.15
C SER A 117 19.62 9.83 46.12
N LEU A 118 18.61 10.55 46.58
CA LEU A 118 17.62 11.20 45.72
C LEU A 118 18.27 12.05 44.63
N PRO A 119 17.70 12.00 43.43
CA PRO A 119 18.20 12.80 42.32
C PRO A 119 17.94 14.28 42.54
N ASP A 120 18.51 15.12 41.68
CA ASP A 120 18.22 16.56 41.70
C ASP A 120 17.82 17.04 40.31
N THR A 121 16.79 17.88 40.26
CA THR A 121 16.29 18.48 39.03
C THR A 121 17.28 19.47 38.42
N ARG A 122 18.16 20.02 39.24
CA ARG A 122 19.13 20.97 38.73
C ARG A 122 20.57 20.45 38.85
N SER A 123 20.73 19.15 38.62
CA SER A 123 22.04 18.51 38.66
C SER A 123 22.48 18.09 37.27
N GLU A 124 23.78 18.15 36.99
CA GLU A 124 24.27 17.82 35.67
C GLU A 124 23.87 16.40 35.28
N ALA A 125 23.66 15.54 36.27
CA ALA A 125 23.28 14.15 36.03
C ALA A 125 21.84 14.03 35.57
N TYR A 126 21.08 15.12 35.68
CA TYR A 126 19.65 15.10 35.42
C TYR A 126 19.32 15.77 34.09
N LEU A 127 19.92 16.93 33.86
CA LEU A 127 19.68 17.68 32.64
C LEU A 127 20.11 16.90 31.41
N GLN A 128 21.18 16.12 31.55
CA GLN A 128 21.76 15.38 30.43
C GLN A 128 20.73 14.43 29.82
N GLN A 129 20.22 13.52 30.62
CA GLN A 129 19.30 12.49 30.14
C GLN A 129 17.91 13.04 29.91
N VAL A 130 17.75 14.33 30.09
CA VAL A 130 16.49 15.05 30.07
C VAL A 130 15.74 14.89 28.75
N GLN A 131 16.46 15.10 27.65
CA GLN A 131 15.86 15.03 26.32
C GLN A 131 15.56 13.59 25.93
N ASP A 132 16.38 12.67 26.40
CA ASP A 132 16.34 11.26 26.05
C ASP A 132 14.95 10.64 26.28
N LEU A 133 14.31 11.00 27.38
CA LEU A 133 12.94 10.54 27.62
C LEU A 133 11.96 11.30 26.74
N VAL A 134 12.47 12.32 26.05
CA VAL A 134 11.68 13.11 25.13
C VAL A 134 12.20 12.93 23.71
N ILE A 135 13.18 12.05 23.59
CA ILE A 135 13.79 11.68 22.31
C ILE A 135 13.27 10.32 21.87
N LEU A 136 13.26 9.38 22.82
CA LEU A 136 12.78 8.03 22.57
C LEU A 136 11.26 8.03 22.44
N GLU A 137 10.63 8.97 23.13
CA GLU A 137 9.17 9.04 23.15
C GLU A 137 8.63 9.31 21.75
N SER A 138 9.45 9.98 20.95
CA SER A 138 9.13 10.29 19.55
C SER A 138 9.49 9.11 18.65
N ILE A 139 10.63 8.49 18.95
CA ILE A 139 11.11 7.34 18.21
C ILE A 139 10.08 6.21 18.24
N ILE A 140 9.35 6.15 19.36
CA ILE A 140 8.32 5.13 19.53
C ILE A 140 6.95 5.68 19.13
N LEU A 141 6.73 6.95 19.43
CA LEU A 141 5.43 7.56 19.14
C LEU A 141 5.10 7.42 17.66
N GLN A 142 6.12 7.59 16.83
CA GLN A 142 5.91 7.68 15.40
C GLN A 142 6.09 6.33 14.71
N THR A 143 6.98 5.49 15.20
CA THR A 143 7.11 4.13 14.71
C THR A 143 5.79 3.38 14.78
N LEU A 144 5.01 3.70 15.83
CA LEU A 144 3.72 3.05 16.04
C LEU A 144 2.58 3.76 15.32
N GLY A 145 2.91 4.54 14.30
CA GLY A 145 1.93 5.17 13.42
C GLY A 145 0.85 5.88 14.20
N PHE A 146 1.22 6.44 15.35
CA PHE A 146 0.33 7.04 16.31
C PHE A 146 -0.93 6.21 16.53
N GLU A 147 -0.74 4.89 16.60
CA GLU A 147 -1.90 3.98 16.77
C GLU A 147 -2.27 3.81 18.24
N LEU A 148 -3.09 4.74 18.74
CA LEU A 148 -3.44 4.70 20.17
C LEU A 148 -4.45 3.57 20.42
N THR A 149 -5.37 3.40 19.47
CA THR A 149 -6.46 2.45 19.60
C THR A 149 -5.97 1.01 19.66
N ILE A 150 -6.11 0.39 20.83
CA ILE A 150 -5.76 -1.01 21.01
C ILE A 150 -6.73 -1.69 21.96
N ASP A 151 -7.34 -2.78 21.49
CA ASP A 151 -8.29 -3.53 22.29
C ASP A 151 -7.60 -4.53 23.20
N HIS A 152 -8.33 -5.04 24.18
CA HIS A 152 -7.76 -5.95 25.16
C HIS A 152 -8.57 -7.22 25.36
N PRO A 153 -7.86 -8.27 25.76
CA PRO A 153 -8.48 -9.57 26.03
C PRO A 153 -9.04 -9.68 27.44
N HIS A 154 -9.33 -8.53 28.04
CA HIS A 154 -9.92 -8.46 29.37
C HIS A 154 -11.41 -8.14 29.30
N THR A 155 -11.73 -7.06 28.59
CA THR A 155 -13.10 -6.59 28.40
C THR A 155 -14.02 -7.73 27.96
N HIS A 156 -13.55 -8.55 27.04
CA HIS A 156 -14.28 -9.75 26.65
C HIS A 156 -14.29 -10.74 27.81
N VAL A 157 -13.13 -10.90 28.44
CA VAL A 157 -12.98 -11.75 29.62
C VAL A 157 -14.03 -11.40 30.67
N VAL A 158 -14.24 -10.11 30.88
CA VAL A 158 -15.24 -9.64 31.83
C VAL A 158 -16.62 -10.22 31.49
N LYS A 159 -17.23 -9.66 30.44
CA LYS A 159 -18.55 -10.05 30.02
C LYS A 159 -18.66 -11.55 29.81
N CYS A 160 -17.67 -12.13 29.13
CA CYS A 160 -17.69 -13.54 28.81
C CYS A 160 -17.96 -14.42 30.02
N THR A 161 -17.41 -14.02 31.17
CA THR A 161 -17.59 -14.79 32.40
C THR A 161 -18.86 -14.36 33.13
N GLN A 162 -19.47 -13.28 32.66
CA GLN A 162 -20.76 -12.85 33.24
C GLN A 162 -21.90 -13.35 32.37
N LEU A 163 -21.69 -13.30 31.06
CA LEU A 163 -22.67 -13.72 30.07
C LEU A 163 -22.92 -15.23 30.13
N VAL A 164 -21.92 -15.98 30.60
CA VAL A 164 -22.08 -17.41 30.81
C VAL A 164 -22.32 -17.74 32.28
N ARG A 165 -22.23 -16.71 33.12
CA ARG A 165 -22.47 -16.82 34.55
C ARG A 165 -21.33 -17.51 35.28
N ALA A 166 -20.12 -17.37 34.75
CA ALA A 166 -18.95 -17.88 35.44
C ALA A 166 -18.81 -17.23 36.81
N SER A 167 -18.12 -17.89 37.73
CA SER A 167 -17.98 -17.41 39.09
C SER A 167 -16.98 -16.26 39.18
N LYS A 168 -16.82 -15.72 40.38
CA LYS A 168 -15.91 -14.60 40.60
C LYS A 168 -14.48 -15.07 40.83
N ASP A 169 -14.30 -16.05 41.72
CA ASP A 169 -12.96 -16.57 42.00
C ASP A 169 -12.28 -17.02 40.70
N LEU A 170 -13.04 -17.69 39.85
CA LEU A 170 -12.51 -18.12 38.56
C LEU A 170 -12.24 -16.91 37.66
N ALA A 171 -13.20 -15.99 37.64
CA ALA A 171 -13.09 -14.77 36.86
C ALA A 171 -11.75 -14.08 37.14
N GLN A 172 -11.42 -13.97 38.42
CA GLN A 172 -10.12 -13.47 38.85
C GLN A 172 -9.01 -14.24 38.15
N THR A 173 -9.14 -15.56 38.15
CA THR A 173 -8.24 -16.46 37.46
C THR A 173 -8.16 -16.13 35.98
N SER A 174 -9.23 -15.54 35.46
CA SER A 174 -9.26 -15.07 34.08
C SER A 174 -8.37 -13.84 33.93
N TYR A 175 -8.74 -12.76 34.61
CA TYR A 175 -8.06 -11.48 34.50
C TYR A 175 -6.55 -11.61 34.68
N PHE A 176 -6.14 -12.18 35.81
CA PHE A 176 -4.74 -12.41 36.14
C PHE A 176 -3.98 -13.03 34.97
N MET A 177 -4.66 -13.88 34.23
CA MET A 177 -4.06 -14.64 33.13
C MET A 177 -3.68 -13.74 31.96
N ALA A 178 -4.36 -12.61 31.83
CA ALA A 178 -4.04 -11.66 30.76
C ALA A 178 -2.62 -11.13 30.92
N THR A 179 -2.27 -10.83 32.16
CA THR A 179 -0.96 -10.32 32.54
C THR A 179 0.17 -11.30 32.22
N ASN A 180 -0.19 -12.55 31.93
CA ASN A 180 0.86 -13.50 31.51
C ASN A 180 0.84 -13.67 29.99
N SER A 181 -0.34 -13.54 29.40
CA SER A 181 -0.45 -13.67 27.95
C SER A 181 0.29 -12.51 27.26
N LEU A 182 0.27 -11.35 27.91
CA LEU A 182 0.96 -10.17 27.40
C LEU A 182 2.39 -10.10 27.92
N HIS A 183 2.52 -9.91 29.22
CA HIS A 183 3.82 -9.78 29.87
C HIS A 183 4.70 -11.00 29.62
N LEU A 184 4.18 -12.18 29.96
CA LEU A 184 4.95 -13.41 29.82
C LEU A 184 5.07 -13.84 28.36
N THR A 185 3.96 -14.25 27.77
CA THR A 185 3.94 -14.64 26.37
C THR A 185 3.86 -13.43 25.44
N THR A 186 3.91 -13.69 24.15
CA THR A 186 3.79 -12.65 23.13
C THR A 186 2.55 -12.86 22.27
N PHE A 187 1.49 -13.36 22.90
CA PHE A 187 0.23 -13.65 22.22
C PHE A 187 -0.39 -12.41 21.61
N SER A 188 0.05 -11.23 22.05
CA SER A 188 -0.41 -9.96 21.51
C SER A 188 -0.03 -9.80 20.03
N LEU A 189 1.11 -10.38 19.66
CA LEU A 189 1.63 -10.25 18.31
C LEU A 189 1.37 -11.48 17.47
N GLN A 190 0.67 -12.45 18.05
CA GLN A 190 0.38 -13.69 17.33
C GLN A 190 -1.12 -13.87 17.09
N TYR A 191 -1.93 -13.43 18.05
CA TYR A 191 -3.37 -13.50 17.90
C TYR A 191 -4.06 -12.17 18.19
N THR A 192 -5.38 -12.16 18.04
CA THR A 192 -6.20 -10.98 18.25
C THR A 192 -6.89 -11.02 19.61
N PRO A 193 -7.10 -9.85 20.19
CA PRO A 193 -7.71 -9.74 21.52
C PRO A 193 -8.93 -10.63 21.72
N PRO A 194 -9.88 -10.71 20.80
CA PRO A 194 -11.01 -11.62 21.04
C PRO A 194 -10.59 -13.08 20.92
N VAL A 195 -9.35 -13.34 20.48
CA VAL A 195 -8.92 -14.72 20.31
C VAL A 195 -7.82 -15.09 21.30
N VAL A 196 -7.33 -14.09 22.04
CA VAL A 196 -6.33 -14.36 23.07
C VAL A 196 -7.02 -14.55 24.43
N ALA A 197 -8.03 -13.74 24.67
CA ALA A 197 -8.79 -13.77 25.92
C ALA A 197 -9.40 -15.15 26.14
N CYS A 198 -9.63 -15.87 25.06
CA CYS A 198 -10.17 -17.22 25.11
C CYS A 198 -9.09 -18.23 25.50
N VAL A 199 -7.85 -17.75 25.58
CA VAL A 199 -6.75 -18.59 26.03
C VAL A 199 -6.55 -18.43 27.54
N CYS A 200 -6.70 -17.19 28.01
CA CYS A 200 -6.64 -16.88 29.43
C CYS A 200 -7.91 -17.32 30.14
N ILE A 201 -8.90 -17.73 29.36
CA ILE A 201 -10.18 -18.16 29.90
C ILE A 201 -10.32 -19.68 29.86
N HIS A 202 -9.81 -20.27 28.79
CA HIS A 202 -9.81 -21.73 28.67
C HIS A 202 -8.64 -22.33 29.44
N LEU A 203 -7.89 -21.47 30.12
CA LEU A 203 -6.78 -21.93 30.96
C LEU A 203 -7.18 -21.90 32.43
N ALA A 204 -7.92 -20.86 32.82
CA ALA A 204 -8.39 -20.75 34.20
C ALA A 204 -9.60 -21.67 34.39
N CYS A 205 -10.42 -21.76 33.36
CA CYS A 205 -11.66 -22.54 33.38
C CYS A 205 -11.41 -23.93 33.95
N LYS A 206 -10.25 -24.49 33.64
CA LYS A 206 -9.91 -25.84 34.11
C LYS A 206 -9.41 -25.79 35.54
N TRP A 207 -8.48 -24.90 35.80
CA TRP A 207 -7.84 -24.68 37.09
C TRP A 207 -8.84 -24.72 38.25
N SER A 208 -9.98 -24.07 38.06
CA SER A 208 -11.02 -24.03 39.08
C SER A 208 -11.94 -25.24 38.97
N ASN A 209 -11.81 -25.98 37.88
CA ASN A 209 -12.60 -27.18 37.63
C ASN A 209 -14.02 -26.81 37.26
N TRP A 210 -14.17 -26.14 36.11
CA TRP A 210 -15.47 -25.72 35.63
C TRP A 210 -15.81 -26.29 34.25
N GLU A 211 -17.02 -26.00 33.83
CA GLU A 211 -17.67 -26.47 32.62
C GLU A 211 -18.92 -25.63 32.36
N ILE A 212 -18.86 -24.76 31.36
CA ILE A 212 -19.95 -23.82 31.11
C ILE A 212 -21.05 -24.44 30.25
N PRO A 213 -22.20 -24.68 30.87
CA PRO A 213 -23.37 -25.15 30.12
C PRO A 213 -23.68 -24.17 28.99
N VAL A 214 -23.88 -24.66 27.77
CA VAL A 214 -23.90 -23.74 26.64
C VAL A 214 -25.19 -23.73 25.82
N SER A 215 -25.01 -23.23 24.62
CA SER A 215 -25.95 -22.99 23.55
C SER A 215 -26.91 -24.14 23.33
N THR A 216 -28.15 -23.77 23.01
CA THR A 216 -29.20 -24.73 22.66
C THR A 216 -29.34 -24.85 21.15
N ASP A 217 -28.32 -24.38 20.41
CA ASP A 217 -28.36 -24.51 18.96
C ASP A 217 -27.46 -25.66 18.49
N GLY A 218 -26.42 -25.93 19.26
CA GLY A 218 -25.46 -26.97 18.94
C GLY A 218 -24.05 -26.41 18.81
N LYS A 219 -23.94 -25.10 19.03
CA LYS A 219 -22.67 -24.39 19.03
C LYS A 219 -22.11 -24.25 20.44
N HIS A 220 -20.86 -23.85 20.55
CA HIS A 220 -20.19 -23.73 21.85
C HIS A 220 -20.05 -22.28 22.28
N TRP A 221 -19.53 -22.06 23.48
CA TRP A 221 -19.40 -20.71 24.01
C TRP A 221 -18.17 -19.98 23.48
N TRP A 222 -17.22 -20.73 22.92
CA TRP A 222 -16.07 -20.07 22.30
C TRP A 222 -16.43 -19.65 20.87
N GLU A 223 -17.67 -19.92 20.50
CA GLU A 223 -18.14 -19.62 19.14
C GLU A 223 -18.95 -18.34 19.13
N TYR A 224 -19.48 -17.97 20.30
CA TYR A 224 -20.28 -16.74 20.37
C TYR A 224 -19.40 -15.52 20.38
N VAL A 225 -18.47 -15.44 21.36
CA VAL A 225 -17.55 -14.31 21.37
C VAL A 225 -16.72 -14.25 20.09
N ASP A 226 -16.54 -15.42 19.46
CA ASP A 226 -15.84 -15.55 18.20
C ASP A 226 -16.25 -16.82 17.45
N ALA A 227 -16.75 -16.65 16.24
CA ALA A 227 -17.29 -17.80 15.50
C ALA A 227 -16.20 -18.51 14.73
N THR A 228 -14.96 -18.05 14.86
CA THR A 228 -13.85 -18.67 14.15
C THR A 228 -13.00 -19.54 15.07
N VAL A 229 -12.88 -19.10 16.32
CA VAL A 229 -12.14 -19.79 17.37
C VAL A 229 -12.44 -21.29 17.39
N THR A 230 -11.43 -22.09 17.69
CA THR A 230 -11.57 -23.54 17.79
C THR A 230 -11.18 -24.03 19.17
N LEU A 231 -11.44 -25.30 19.44
CA LEU A 231 -11.05 -25.94 20.68
C LEU A 231 -9.63 -26.50 20.58
N GLU A 232 -9.35 -27.13 19.44
CA GLU A 232 -8.00 -27.62 19.16
C GLU A 232 -7.00 -26.47 19.34
N LEU A 233 -7.36 -25.34 18.74
CA LEU A 233 -6.57 -24.12 18.86
C LEU A 233 -6.69 -23.55 20.27
N LEU A 234 -7.87 -23.67 20.85
CA LEU A 234 -8.08 -23.17 22.22
C LEU A 234 -7.17 -23.92 23.18
N ASP A 235 -7.19 -25.26 23.09
CA ASP A 235 -6.34 -26.08 23.95
C ASP A 235 -4.87 -25.90 23.58
N GLU A 236 -4.63 -25.81 22.27
CA GLU A 236 -3.29 -25.59 21.75
C GLU A 236 -2.62 -24.40 22.43
N LEU A 237 -3.38 -23.33 22.61
CA LEU A 237 -2.85 -22.08 23.14
C LEU A 237 -2.86 -22.08 24.67
N THR A 238 -3.88 -22.71 25.25
CA THR A 238 -3.88 -22.94 26.71
C THR A 238 -2.74 -23.90 27.07
N HIS A 239 -2.49 -24.84 26.18
CA HIS A 239 -1.38 -25.78 26.33
C HIS A 239 -0.04 -25.06 26.15
N GLU A 240 0.04 -24.30 25.06
CA GLU A 240 1.23 -23.51 24.75
C GLU A 240 1.52 -22.55 25.90
N PHE A 241 0.53 -21.73 26.22
CA PHE A 241 0.53 -20.84 27.37
C PHE A 241 1.08 -21.54 28.61
N LEU A 242 0.39 -22.59 29.04
CA LEU A 242 0.80 -23.40 30.19
C LEU A 242 2.22 -23.91 30.00
N GLN A 243 2.49 -24.44 28.81
CA GLN A 243 3.80 -24.98 28.48
C GLN A 243 4.88 -23.91 28.58
N ILE A 244 4.57 -22.72 28.10
CA ILE A 244 5.47 -21.57 28.17
C ILE A 244 5.76 -21.17 29.61
N LEU A 245 4.93 -21.63 30.54
CA LEU A 245 5.12 -21.35 31.95
C LEU A 245 5.84 -22.50 32.65
N GLU A 246 6.04 -23.59 31.92
CA GLU A 246 6.78 -24.74 32.41
C GLU A 246 8.29 -24.49 32.24
N LYS A 247 8.57 -23.31 31.72
CA LYS A 247 9.92 -22.83 31.45
C LYS A 247 10.19 -21.53 32.18
N THR A 248 9.34 -21.26 33.17
CA THR A 248 9.50 -20.16 34.11
C THR A 248 9.18 -20.63 35.52
N PRO A 249 10.16 -21.25 36.18
CA PRO A 249 9.95 -21.71 37.56
C PRO A 249 10.09 -20.58 38.57
N ASN A 250 10.21 -19.36 38.04
CA ASN A 250 10.42 -18.15 38.83
C ASN A 250 9.10 -17.45 39.12
N ARG A 251 8.41 -17.02 38.05
CA ARG A 251 7.10 -16.39 38.20
C ARG A 251 6.01 -17.42 38.32
N LEU A 252 6.24 -18.66 37.92
CA LEU A 252 5.23 -19.71 38.03
C LEU A 252 4.82 -19.95 39.48
N LYS A 253 5.79 -20.37 40.28
CA LYS A 253 5.61 -20.56 41.72
C LYS A 253 4.92 -19.35 42.35
N ARG A 254 5.37 -18.16 41.98
CA ARG A 254 4.72 -16.93 42.44
C ARG A 254 3.28 -16.89 41.97
N ILE A 255 3.01 -17.51 40.82
CA ILE A 255 1.69 -17.66 40.28
C ILE A 255 0.91 -18.74 41.05
N TRP A 256 1.64 -19.80 41.36
CA TRP A 256 1.10 -20.92 42.13
C TRP A 256 0.81 -20.50 43.57
N ASN A 257 1.66 -19.64 44.13
CA ASN A 257 1.51 -19.14 45.48
C ASN A 257 0.42 -18.08 45.58
N TRP A 258 0.11 -17.46 44.45
CA TRP A 258 -0.84 -16.34 44.43
C TRP A 258 -2.24 -16.83 44.80
N ARG A 259 -2.47 -18.12 44.63
CA ARG A 259 -3.76 -18.71 45.01
C ARG A 259 -3.59 -19.58 46.25
N ALA A 260 -2.48 -19.40 46.93
CA ALA A 260 -2.19 -20.09 48.18
C ALA A 260 -3.20 -19.70 49.25
N CYS A 261 -3.73 -18.49 49.13
CA CYS A 261 -4.73 -17.99 50.07
C CYS A 261 -6.14 -18.29 49.59
N GLU A 262 -6.28 -18.65 48.31
CA GLU A 262 -7.60 -18.80 47.71
C GLU A 262 -7.91 -20.23 47.29
N ALA A 263 -6.87 -21.01 47.09
CA ALA A 263 -6.80 -22.38 46.59
C ALA A 263 -8.17 -22.98 46.26
N ASN B 8 8.01 -15.85 0.34
CA ASN B 8 8.67 -14.73 -0.33
C ASN B 8 7.75 -13.53 -0.49
N ASN B 9 6.48 -13.66 -0.12
CA ASN B 9 5.56 -12.52 -0.19
C ASN B 9 4.65 -12.53 1.04
N LYS B 10 4.46 -11.37 1.64
CA LYS B 10 3.77 -11.22 2.90
C LYS B 10 2.25 -11.32 2.81
N ARG B 11 1.68 -10.90 1.69
CA ARG B 11 0.23 -10.86 1.56
C ARG B 11 -0.40 -12.24 1.47
N TRP B 12 0.44 -13.29 1.47
CA TRP B 12 -0.05 -14.66 1.37
C TRP B 12 0.37 -15.48 2.59
N TYR B 13 0.60 -14.79 3.69
CA TYR B 13 0.79 -15.31 5.03
C TYR B 13 -0.21 -14.62 5.95
N PHE B 14 -1.10 -15.41 6.57
CA PHE B 14 -2.20 -14.86 7.34
C PHE B 14 -2.44 -15.54 8.68
N THR B 15 -2.76 -14.74 9.70
CA THR B 15 -3.20 -15.27 10.98
C THR B 15 -4.50 -16.05 10.80
N ARG B 16 -5.16 -16.35 11.93
CA ARG B 16 -6.37 -17.16 11.82
C ARG B 16 -7.57 -16.32 11.38
N GLU B 17 -7.72 -16.00 10.12
CA GLU B 17 -6.91 -16.04 8.94
C GLU B 17 -6.41 -17.41 8.50
N GLN B 18 -6.84 -18.45 9.17
CA GLN B 18 -6.18 -19.73 9.29
C GLN B 18 -6.10 -20.59 8.03
N LEU B 19 -7.11 -20.85 7.27
CA LEU B 19 -8.48 -20.44 7.14
C LEU B 19 -9.39 -20.78 8.32
N GLU B 20 -9.56 -19.80 9.20
CA GLU B 20 -10.52 -19.91 10.30
C GLU B 20 -11.70 -18.98 10.07
N ASN B 21 -11.45 -17.78 9.54
CA ASN B 21 -12.56 -16.91 9.17
C ASN B 21 -12.41 -16.40 7.74
N SER B 22 -12.20 -17.34 6.84
CA SER B 22 -12.12 -17.04 5.41
C SER B 22 -13.50 -16.66 4.87
N PRO B 23 -13.54 -16.08 3.68
CA PRO B 23 -14.83 -15.86 3.01
C PRO B 23 -15.60 -17.16 2.86
N SER B 24 -14.89 -18.28 2.77
CA SER B 24 -15.50 -19.60 2.73
C SER B 24 -16.19 -19.94 4.05
N ARG B 25 -15.80 -19.22 5.11
CA ARG B 25 -16.46 -19.40 6.40
C ARG B 25 -17.85 -18.77 6.36
N ARG B 26 -17.87 -17.52 5.95
CA ARG B 26 -18.95 -16.55 5.97
C ARG B 26 -20.28 -17.10 5.48
N PHE B 27 -20.25 -18.10 4.60
CA PHE B 27 -21.49 -18.55 3.96
C PHE B 27 -22.15 -19.66 4.76
N GLY B 28 -21.38 -20.67 5.14
CA GLY B 28 -21.90 -21.79 5.90
C GLY B 28 -21.29 -23.11 5.47
N VAL B 29 -19.97 -23.23 5.60
CA VAL B 29 -19.27 -24.43 5.19
C VAL B 29 -18.28 -24.85 6.29
N ASP B 30 -18.38 -26.09 6.73
CA ASP B 30 -17.59 -26.63 7.82
C ASP B 30 -16.10 -26.47 7.56
N PRO B 31 -15.35 -26.13 8.60
CA PRO B 31 -13.89 -25.97 8.49
C PRO B 31 -13.26 -27.18 7.82
N ASP B 32 -13.74 -28.37 8.17
CA ASP B 32 -13.22 -29.61 7.63
C ASP B 32 -13.58 -29.76 6.16
N LYS B 33 -14.73 -29.22 5.79
CA LYS B 33 -15.17 -29.27 4.39
C LYS B 33 -14.24 -28.43 3.52
N GLU B 34 -14.08 -27.14 3.83
CA GLU B 34 -13.15 -26.33 3.04
C GLU B 34 -11.76 -26.96 3.07
N LEU B 35 -11.44 -27.59 4.19
CA LEU B 35 -10.20 -28.35 4.34
C LEU B 35 -10.22 -29.58 3.45
N SER B 36 -11.42 -30.07 3.17
CA SER B 36 -11.62 -31.18 2.24
C SER B 36 -11.58 -30.66 0.81
N TYR B 37 -12.21 -29.52 0.60
CA TYR B 37 -12.31 -28.83 -0.67
C TYR B 37 -10.93 -28.60 -1.29
N ARG B 38 -10.06 -27.98 -0.50
CA ARG B 38 -8.69 -27.71 -0.89
C ARG B 38 -8.00 -28.99 -1.38
N GLN B 39 -7.61 -29.83 -0.44
CA GLN B 39 -6.94 -31.09 -0.69
C GLN B 39 -7.58 -31.85 -1.85
N GLN B 40 -8.90 -31.89 -1.85
CA GLN B 40 -9.66 -32.52 -2.92
C GLN B 40 -9.39 -31.82 -4.24
N ALA B 41 -9.42 -30.49 -4.22
CA ALA B 41 -9.21 -29.64 -5.37
C ALA B 41 -7.88 -29.94 -6.04
N ALA B 42 -6.92 -30.42 -5.24
CA ALA B 42 -5.62 -30.82 -5.74
C ALA B 42 -5.72 -32.10 -6.55
N ASN B 43 -6.76 -32.90 -6.26
CA ASN B 43 -6.91 -34.18 -6.95
C ASN B 43 -7.32 -33.97 -8.41
N LEU B 44 -8.01 -32.85 -8.65
CA LEU B 44 -8.41 -32.49 -10.01
C LEU B 44 -7.33 -31.62 -10.67
N LEU B 45 -6.10 -31.88 -10.18
CA LEU B 45 -4.98 -31.00 -10.54
C LEU B 45 -3.66 -31.76 -10.53
N GLN B 46 -3.50 -32.56 -9.48
CA GLN B 46 -2.40 -33.49 -9.35
C GLN B 46 -2.62 -34.68 -10.27
N ASP B 47 -3.83 -35.25 -10.17
CA ASP B 47 -4.17 -36.43 -10.96
C ASP B 47 -4.71 -36.03 -12.33
N MET B 48 -4.83 -34.72 -12.53
CA MET B 48 -5.31 -34.13 -13.77
C MET B 48 -4.13 -33.76 -14.66
N GLY B 49 -3.15 -33.07 -14.08
CA GLY B 49 -1.91 -32.76 -14.78
C GLY B 49 -1.08 -34.02 -15.00
N GLN B 50 -1.44 -35.10 -14.33
CA GLN B 50 -0.76 -36.37 -14.52
C GLN B 50 -1.15 -36.97 -15.86
N ARG B 51 -2.25 -36.47 -16.40
CA ARG B 51 -2.80 -36.85 -17.69
C ARG B 51 -2.12 -36.08 -18.82
N LEU B 52 -1.73 -34.86 -18.51
CA LEU B 52 -1.10 -33.96 -19.46
C LEU B 52 0.39 -34.21 -19.57
N ASN B 53 0.91 -35.13 -18.74
CA ASN B 53 2.34 -35.43 -18.77
C ASN B 53 3.18 -34.22 -18.38
N VAL B 54 2.64 -33.40 -17.47
CA VAL B 54 3.31 -32.17 -17.06
C VAL B 54 4.41 -32.42 -16.03
N SER B 55 5.35 -31.47 -15.96
CA SER B 55 6.42 -31.53 -14.98
C SER B 55 5.89 -31.46 -13.55
N GLN B 56 6.45 -32.29 -12.69
CA GLN B 56 6.08 -32.36 -11.28
C GLN B 56 6.00 -30.98 -10.64
N LEU B 57 6.94 -30.11 -11.00
CA LEU B 57 7.01 -28.77 -10.45
C LEU B 57 5.95 -27.86 -11.06
N THR B 58 5.48 -28.25 -12.24
CA THR B 58 4.49 -27.50 -13.00
C THR B 58 3.13 -27.51 -12.30
N ILE B 59 2.87 -28.60 -11.58
CA ILE B 59 1.61 -28.80 -10.90
C ILE B 59 1.64 -28.18 -9.50
N ASN B 60 2.76 -28.38 -8.81
CA ASN B 60 2.91 -27.88 -7.45
C ASN B 60 2.57 -26.40 -7.38
N THR B 61 3.05 -25.64 -8.35
CA THR B 61 2.76 -24.21 -8.41
C THR B 61 1.26 -23.97 -8.61
N ALA B 62 0.62 -24.90 -9.30
CA ALA B 62 -0.82 -24.83 -9.54
C ALA B 62 -1.60 -24.93 -8.23
N ILE B 63 -1.28 -25.93 -7.42
CA ILE B 63 -1.97 -26.10 -6.14
C ILE B 63 -1.86 -24.83 -5.31
N VAL B 64 -0.72 -24.16 -5.43
CA VAL B 64 -0.42 -22.95 -4.71
C VAL B 64 -1.44 -21.86 -4.99
N TYR B 65 -1.92 -21.82 -6.23
CA TYR B 65 -2.84 -20.78 -6.69
C TYR B 65 -4.24 -21.01 -6.15
N MET B 66 -4.68 -22.26 -6.20
CA MET B 66 -5.97 -22.70 -5.71
C MET B 66 -6.12 -22.41 -4.21
N HIS B 67 -5.07 -22.74 -3.46
CA HIS B 67 -5.00 -22.47 -2.04
C HIS B 67 -5.14 -20.96 -1.75
N ARG B 68 -4.58 -20.15 -2.64
CA ARG B 68 -4.66 -18.69 -2.48
C ARG B 68 -5.97 -18.15 -3.04
N PHE B 69 -6.31 -18.60 -4.25
CA PHE B 69 -7.54 -18.25 -4.94
C PHE B 69 -8.75 -18.28 -4.02
N TYR B 70 -8.85 -19.33 -3.22
CA TYR B 70 -9.94 -19.46 -2.27
C TYR B 70 -9.66 -18.75 -0.95
N MET B 71 -8.70 -17.83 -0.95
CA MET B 71 -8.37 -17.10 0.26
C MET B 71 -9.11 -15.76 0.27
N ILE B 72 -10.05 -15.63 -0.65
CA ILE B 72 -10.91 -14.47 -0.80
C ILE B 72 -12.27 -14.89 -1.35
N GLN B 73 -12.31 -16.09 -1.93
CA GLN B 73 -13.52 -16.60 -2.55
C GLN B 73 -14.07 -17.79 -1.78
N SER B 74 -14.86 -18.62 -2.47
CA SER B 74 -15.49 -19.77 -1.82
C SER B 74 -15.59 -20.97 -2.76
N PHE B 75 -15.71 -22.14 -2.17
CA PHE B 75 -15.68 -23.41 -2.92
C PHE B 75 -17.08 -23.76 -3.41
N THR B 76 -18.09 -23.20 -2.75
CA THR B 76 -19.48 -23.42 -3.12
C THR B 76 -19.85 -22.64 -4.37
N ARG B 77 -19.41 -21.39 -4.45
CA ARG B 77 -19.68 -20.55 -5.61
C ARG B 77 -18.75 -20.91 -6.76
N PHE B 78 -17.46 -20.74 -6.53
CA PHE B 78 -16.44 -21.15 -7.49
C PHE B 78 -15.87 -22.52 -7.10
N PRO B 79 -16.36 -23.57 -7.74
CA PRO B 79 -15.86 -24.92 -7.46
C PRO B 79 -14.49 -25.16 -8.09
N GLY B 80 -13.59 -25.75 -7.31
CA GLY B 80 -12.30 -26.20 -7.79
C GLY B 80 -12.43 -27.15 -8.96
N ASN B 81 -13.56 -27.85 -9.02
CA ASN B 81 -13.96 -28.72 -10.11
C ASN B 81 -13.62 -28.11 -11.46
N SER B 82 -13.85 -26.80 -11.58
CA SER B 82 -13.53 -26.08 -12.81
C SER B 82 -12.39 -25.11 -12.59
N VAL B 83 -12.20 -24.67 -11.35
CA VAL B 83 -11.14 -23.72 -11.01
C VAL B 83 -9.75 -24.29 -11.29
N ALA B 84 -9.59 -25.60 -11.12
CA ALA B 84 -8.28 -26.23 -11.25
C ALA B 84 -7.67 -26.02 -12.62
N PRO B 85 -8.37 -26.33 -13.71
CA PRO B 85 -7.77 -26.10 -15.04
C PRO B 85 -7.46 -24.62 -15.24
N ALA B 86 -8.18 -23.76 -14.55
CA ALA B 86 -7.97 -22.32 -14.63
C ALA B 86 -6.60 -21.94 -14.08
N ALA B 87 -6.27 -22.47 -12.91
CA ALA B 87 -4.98 -22.24 -12.28
C ALA B 87 -3.88 -23.06 -12.98
N LEU B 88 -4.31 -24.09 -13.69
CA LEU B 88 -3.42 -24.98 -14.42
C LEU B 88 -3.03 -24.36 -15.76
N PHE B 89 -3.38 -23.08 -15.94
CA PHE B 89 -3.06 -22.32 -17.13
C PHE B 89 -2.02 -21.25 -16.82
N LEU B 90 -2.22 -20.57 -15.69
CA LEU B 90 -1.25 -19.55 -15.27
C LEU B 90 0.07 -20.23 -14.88
N ALA B 91 -0.04 -21.34 -14.16
CA ALA B 91 1.14 -22.08 -13.73
C ALA B 91 1.87 -22.65 -14.95
N ALA B 92 1.12 -23.31 -15.80
CA ALA B 92 1.59 -23.92 -17.03
C ALA B 92 2.53 -23.00 -17.79
N LYS B 93 1.98 -21.94 -18.38
CA LYS B 93 2.74 -20.97 -19.15
C LYS B 93 4.00 -20.51 -18.40
N VAL B 94 3.82 -20.16 -17.14
CA VAL B 94 4.89 -19.65 -16.31
C VAL B 94 6.08 -20.60 -16.26
N GLU B 95 5.80 -21.89 -16.34
CA GLU B 95 6.85 -22.90 -16.23
C GLU B 95 7.31 -23.38 -17.60
N GLU B 96 7.25 -22.47 -18.56
CA GLU B 96 7.70 -22.56 -19.93
C GLU B 96 7.15 -23.76 -20.69
N GLN B 97 6.18 -24.49 -20.16
CA GLN B 97 5.51 -25.47 -21.01
C GLN B 97 4.03 -25.62 -20.63
N PRO B 98 3.22 -24.72 -21.16
CA PRO B 98 1.78 -24.75 -20.88
C PRO B 98 1.06 -25.76 -21.75
N LYS B 99 -0.27 -25.73 -21.72
CA LYS B 99 -1.09 -26.58 -22.59
C LYS B 99 -2.25 -25.78 -23.14
N LYS B 100 -2.93 -26.34 -24.14
CA LYS B 100 -4.07 -25.68 -24.75
C LYS B 100 -5.26 -25.56 -23.79
N LEU B 101 -5.95 -24.43 -23.85
CA LEU B 101 -7.11 -24.22 -23.01
C LEU B 101 -8.17 -25.31 -23.24
N GLU B 102 -8.16 -25.87 -24.45
CA GLU B 102 -9.09 -26.94 -24.80
C GLU B 102 -8.62 -28.29 -24.26
N HIS B 103 -7.31 -28.49 -24.21
CA HIS B 103 -6.76 -29.70 -23.60
C HIS B 103 -6.71 -29.56 -22.08
N VAL B 104 -6.47 -28.33 -21.61
CA VAL B 104 -6.63 -28.05 -20.19
C VAL B 104 -8.05 -28.40 -19.75
N ILE B 105 -8.98 -28.21 -20.66
CA ILE B 105 -10.37 -28.61 -20.47
C ILE B 105 -10.60 -30.04 -20.96
N LYS B 106 -9.73 -30.51 -21.83
CA LYS B 106 -9.90 -31.84 -22.40
C LYS B 106 -9.26 -32.89 -21.49
N VAL B 107 -8.94 -32.46 -20.27
CA VAL B 107 -8.45 -33.33 -19.21
C VAL B 107 -9.48 -33.36 -18.08
N ALA B 108 -10.21 -32.26 -18.00
CA ALA B 108 -11.27 -32.06 -17.02
C ALA B 108 -12.42 -33.04 -17.27
N HIS B 109 -12.87 -33.12 -18.53
CA HIS B 109 -13.99 -34.01 -18.84
C HIS B 109 -13.68 -35.45 -18.44
N THR B 110 -12.57 -35.98 -18.95
CA THR B 110 -12.16 -37.34 -18.63
C THR B 110 -11.84 -37.50 -17.15
N CYS B 111 -11.61 -36.38 -16.47
CA CYS B 111 -11.24 -36.38 -15.06
C CYS B 111 -12.47 -36.26 -14.16
N LEU B 112 -13.32 -35.28 -14.46
CA LEU B 112 -14.56 -35.10 -13.71
C LEU B 112 -15.61 -36.11 -14.15
N HIS B 113 -16.00 -36.04 -15.42
CA HIS B 113 -17.00 -36.95 -15.98
C HIS B 113 -16.34 -37.96 -16.90
N PRO B 114 -15.82 -39.04 -16.31
CA PRO B 114 -15.14 -40.08 -17.07
C PRO B 114 -16.12 -41.08 -17.69
N GLN B 115 -17.40 -40.72 -17.71
CA GLN B 115 -18.42 -41.58 -18.31
C GLN B 115 -19.26 -40.84 -19.33
N GLU B 116 -19.57 -39.57 -19.09
CA GLU B 116 -20.34 -38.79 -20.04
C GLU B 116 -19.56 -38.60 -21.35
N SER B 117 -20.28 -38.61 -22.46
CA SER B 117 -19.68 -38.52 -23.79
C SER B 117 -18.69 -37.36 -23.88
N LEU B 118 -17.76 -37.47 -24.83
CA LEU B 118 -16.72 -36.45 -25.01
C LEU B 118 -17.35 -35.10 -25.33
N PRO B 119 -16.76 -34.04 -24.77
CA PRO B 119 -17.27 -32.68 -24.98
C PRO B 119 -17.09 -32.24 -26.43
N ASP B 120 -17.68 -31.10 -26.78
CA ASP B 120 -17.70 -30.64 -28.16
C ASP B 120 -17.13 -29.22 -28.29
N THR B 121 -16.33 -29.04 -29.33
CA THR B 121 -15.68 -27.74 -29.59
C THR B 121 -16.69 -26.71 -30.09
N ARG B 122 -17.77 -27.18 -30.73
CA ARG B 122 -18.73 -26.22 -31.27
C ARG B 122 -20.08 -26.31 -30.57
N SER B 123 -20.07 -26.55 -29.27
CA SER B 123 -21.28 -26.55 -28.45
C SER B 123 -21.29 -25.37 -27.49
N GLU B 124 -22.46 -24.83 -27.23
CA GLU B 124 -22.53 -23.75 -26.23
C GLU B 124 -22.04 -24.23 -24.88
N ALA B 125 -22.15 -25.52 -24.62
CA ALA B 125 -21.73 -26.13 -23.37
C ALA B 125 -20.22 -26.15 -23.21
N TYR B 126 -19.51 -25.86 -24.30
CA TYR B 126 -18.06 -25.69 -24.26
C TYR B 126 -17.69 -24.22 -24.42
N LEU B 127 -18.31 -23.57 -25.40
CA LEU B 127 -18.06 -22.18 -25.68
C LEU B 127 -18.42 -21.29 -24.49
N GLN B 128 -19.47 -21.69 -23.78
CA GLN B 128 -19.90 -20.98 -22.59
C GLN B 128 -18.78 -20.85 -21.56
N GLN B 129 -18.24 -21.99 -21.13
CA GLN B 129 -17.12 -21.99 -20.20
C GLN B 129 -15.81 -21.64 -20.89
N VAL B 130 -15.88 -21.40 -22.20
CA VAL B 130 -14.70 -21.12 -23.01
C VAL B 130 -14.06 -19.80 -22.63
N GLN B 131 -14.89 -18.75 -22.56
CA GLN B 131 -14.40 -17.44 -22.11
C GLN B 131 -14.19 -17.43 -20.61
N ASP B 132 -15.01 -18.19 -19.89
CA ASP B 132 -14.96 -18.31 -18.45
C ASP B 132 -13.59 -18.77 -17.95
N LEU B 133 -12.99 -19.74 -18.64
CA LEU B 133 -11.66 -20.21 -18.26
C LEU B 133 -10.60 -19.18 -18.62
N VAL B 134 -11.02 -18.16 -19.35
CA VAL B 134 -10.15 -17.03 -19.68
C VAL B 134 -10.68 -15.76 -19.04
N ILE B 135 -11.77 -15.90 -18.31
CA ILE B 135 -12.36 -14.84 -17.52
C ILE B 135 -12.05 -15.10 -16.04
N LEU B 136 -12.25 -16.33 -15.62
CA LEU B 136 -11.86 -16.81 -14.30
C LEU B 136 -10.34 -16.88 -14.17
N GLU B 137 -9.69 -17.11 -15.31
CA GLU B 137 -8.24 -17.07 -15.42
C GLU B 137 -7.70 -15.69 -15.01
N SER B 138 -8.56 -14.68 -15.17
CA SER B 138 -8.25 -13.32 -14.75
C SER B 138 -8.62 -13.14 -13.28
N ILE B 139 -9.76 -13.70 -12.91
CA ILE B 139 -10.26 -13.66 -11.54
C ILE B 139 -9.21 -14.20 -10.57
N ILE B 140 -8.40 -15.12 -11.06
CA ILE B 140 -7.23 -15.62 -10.36
C ILE B 140 -5.98 -14.84 -10.75
N LEU B 141 -5.94 -14.40 -12.01
CA LEU B 141 -4.80 -13.66 -12.51
C LEU B 141 -4.49 -12.45 -11.61
N GLN B 142 -5.56 -11.82 -11.14
CA GLN B 142 -5.34 -10.66 -10.30
C GLN B 142 -5.39 -11.00 -8.81
N THR B 143 -6.22 -11.95 -8.43
CA THR B 143 -6.46 -12.30 -7.03
C THR B 143 -5.15 -12.52 -6.26
N LEU B 144 -4.15 -13.03 -6.98
CA LEU B 144 -2.83 -13.22 -6.42
C LEU B 144 -1.94 -11.99 -6.61
N GLY B 145 -2.55 -10.83 -6.79
CA GLY B 145 -1.85 -9.58 -6.99
C GLY B 145 -0.79 -9.71 -8.08
N PHE B 146 -1.15 -10.45 -9.12
CA PHE B 146 -0.27 -10.82 -10.22
C PHE B 146 1.10 -11.30 -9.68
N GLU B 147 1.11 -11.98 -8.55
CA GLU B 147 2.35 -12.43 -7.96
C GLU B 147 2.74 -13.82 -8.46
N LEU B 148 3.45 -13.87 -9.59
CA LEU B 148 3.84 -15.14 -10.16
C LEU B 148 4.94 -15.80 -9.34
N THR B 149 5.83 -14.98 -8.82
CA THR B 149 6.99 -15.42 -8.05
C THR B 149 6.59 -16.18 -6.78
N ILE B 150 6.88 -17.48 -6.79
CA ILE B 150 6.53 -18.34 -5.66
C ILE B 150 7.62 -19.37 -5.41
N ASP B 151 8.14 -19.38 -4.18
CA ASP B 151 9.22 -20.30 -3.83
C ASP B 151 8.67 -21.67 -3.42
N HIS B 152 9.56 -22.67 -3.41
CA HIS B 152 9.09 -24.04 -3.16
C HIS B 152 9.92 -24.78 -2.14
N PRO B 153 9.26 -25.69 -1.43
CA PRO B 153 9.92 -26.53 -0.43
C PRO B 153 10.52 -27.78 -1.05
N HIS B 154 10.77 -27.75 -2.36
CA HIS B 154 11.31 -28.92 -3.04
C HIS B 154 12.80 -28.72 -3.37
N THR B 155 13.08 -27.61 -4.06
CA THR B 155 14.43 -27.27 -4.50
C THR B 155 15.41 -27.29 -3.34
N HIS B 156 15.01 -26.74 -2.20
CA HIS B 156 15.86 -26.69 -1.03
C HIS B 156 16.11 -28.10 -0.49
N VAL B 157 15.03 -28.88 -0.44
CA VAL B 157 15.08 -30.28 -0.04
C VAL B 157 16.17 -31.04 -0.78
N VAL B 158 16.29 -30.78 -2.08
CA VAL B 158 17.33 -31.36 -2.90
C VAL B 158 18.72 -31.12 -2.30
N LYS B 159 19.17 -29.88 -2.41
CA LYS B 159 20.44 -29.45 -1.86
C LYS B 159 20.60 -29.88 -0.40
N CYS B 160 19.55 -29.68 0.39
CA CYS B 160 19.66 -30.00 1.82
C CYS B 160 20.00 -31.48 2.02
N THR B 161 19.41 -32.34 1.20
CA THR B 161 19.69 -33.77 1.32
C THR B 161 20.87 -34.18 0.46
N GLN B 162 21.31 -33.27 -0.41
CA GLN B 162 22.42 -33.57 -1.32
C GLN B 162 23.73 -33.04 -0.74
N LEU B 163 23.66 -31.89 -0.12
CA LEU B 163 24.76 -31.25 0.58
C LEU B 163 25.18 -32.05 1.81
N VAL B 164 24.25 -32.83 2.37
CA VAL B 164 24.49 -33.54 3.60
C VAL B 164 24.81 -35.01 3.35
N ARG B 165 24.71 -35.42 2.10
CA ARG B 165 25.01 -36.78 1.67
C ARG B 165 23.89 -37.76 2.06
N ALA B 166 22.67 -37.25 2.17
CA ALA B 166 21.52 -38.12 2.42
C ALA B 166 21.40 -39.17 1.32
N SER B 167 20.76 -40.29 1.64
CA SER B 167 20.54 -41.35 0.66
C SER B 167 19.42 -40.99 -0.30
N LYS B 168 19.17 -41.87 -1.26
CA LYS B 168 18.12 -41.65 -2.26
C LYS B 168 16.77 -42.12 -1.74
N ASP B 169 16.72 -43.35 -1.23
CA ASP B 169 15.45 -43.90 -0.75
C ASP B 169 14.85 -42.98 0.31
N LEU B 170 15.69 -42.50 1.22
CA LEU B 170 15.27 -41.53 2.21
C LEU B 170 14.96 -40.19 1.53
N ALA B 171 15.83 -39.79 0.61
CA ALA B 171 15.65 -38.57 -0.16
C ALA B 171 14.24 -38.49 -0.73
N GLN B 172 13.79 -39.61 -1.29
CA GLN B 172 12.44 -39.74 -1.79
C GLN B 172 11.43 -39.30 -0.72
N THR B 173 11.67 -39.80 0.48
CA THR B 173 10.84 -39.49 1.64
C THR B 173 10.83 -37.98 1.90
N SER B 174 11.93 -37.34 1.53
CA SER B 174 12.04 -35.89 1.66
C SER B 174 11.12 -35.19 0.65
N TYR B 175 11.42 -35.40 -0.64
CA TYR B 175 10.60 -34.86 -1.71
C TYR B 175 9.15 -35.32 -1.59
N PHE B 176 8.94 -36.63 -1.53
CA PHE B 176 7.62 -37.23 -1.49
C PHE B 176 6.74 -36.56 -0.42
N MET B 177 7.36 -36.20 0.69
CA MET B 177 6.65 -35.52 1.77
C MET B 177 6.32 -34.09 1.42
N ALA B 178 7.13 -33.48 0.55
CA ALA B 178 6.90 -32.10 0.14
C ALA B 178 5.55 -31.95 -0.55
N THR B 179 5.22 -32.93 -1.37
CA THR B 179 3.98 -32.99 -2.14
C THR B 179 2.75 -33.04 -1.26
N ASN B 180 2.92 -33.26 0.04
CA ASN B 180 1.79 -33.40 0.95
C ASN B 180 1.47 -32.10 1.65
N SER B 181 2.48 -31.25 1.80
CA SER B 181 2.30 -29.95 2.46
C SER B 181 1.31 -29.08 1.68
N LEU B 182 1.29 -29.27 0.37
CA LEU B 182 0.47 -28.47 -0.53
C LEU B 182 -0.94 -29.06 -0.69
N HIS B 183 -1.00 -30.25 -1.29
CA HIS B 183 -2.28 -30.88 -1.59
C HIS B 183 -3.06 -31.17 -0.32
N LEU B 184 -2.45 -31.91 0.60
CA LEU B 184 -3.11 -32.27 1.85
C LEU B 184 -3.23 -31.09 2.81
N THR B 185 -2.09 -30.65 3.33
CA THR B 185 -2.08 -29.50 4.24
C THR B 185 -2.10 -28.18 3.47
N THR B 186 -2.18 -27.08 4.23
CA THR B 186 -2.17 -25.74 3.64
C THR B 186 -0.94 -24.96 4.08
N PHE B 187 0.18 -25.68 4.18
CA PHE B 187 1.44 -25.10 4.64
C PHE B 187 1.94 -24.01 3.71
N SER B 188 1.40 -23.95 2.50
CA SER B 188 1.80 -22.95 1.51
C SER B 188 1.42 -21.55 1.96
N LEU B 189 0.32 -21.44 2.69
CA LEU B 189 -0.19 -20.14 3.14
C LEU B 189 0.14 -19.89 4.60
N GLN B 190 0.86 -20.82 5.23
CA GLN B 190 1.15 -20.71 6.65
C GLN B 190 2.64 -20.55 6.91
N TYR B 191 3.46 -21.19 6.07
CA TYR B 191 4.91 -21.15 6.28
C TYR B 191 5.66 -20.79 5.00
N THR B 192 6.97 -20.68 5.13
CA THR B 192 7.84 -20.36 4.00
C THR B 192 8.53 -21.61 3.47
N PRO B 193 8.79 -21.63 2.16
CA PRO B 193 9.53 -22.74 1.53
C PRO B 193 10.80 -23.11 2.28
N PRO B 194 11.66 -22.18 2.69
CA PRO B 194 12.83 -22.61 3.46
C PRO B 194 12.46 -23.07 4.86
N VAL B 195 11.20 -22.91 5.24
CA VAL B 195 10.76 -23.38 6.56
C VAL B 195 9.79 -24.54 6.45
N VAL B 196 9.40 -24.87 5.22
CA VAL B 196 8.53 -26.03 5.00
C VAL B 196 9.37 -27.27 4.69
N ALA B 197 10.42 -27.08 3.93
CA ALA B 197 11.35 -28.16 3.60
C ALA B 197 11.99 -28.73 4.86
N CYS B 198 12.08 -27.90 5.90
CA CYS B 198 12.67 -28.34 7.16
C CYS B 198 11.66 -29.12 7.99
N VAL B 199 10.41 -29.11 7.55
CA VAL B 199 9.38 -29.89 8.24
C VAL B 199 9.24 -31.25 7.59
N CYS B 200 9.31 -31.27 6.26
CA CYS B 200 9.19 -32.50 5.49
C CYS B 200 10.45 -33.35 5.60
N ILE B 201 11.46 -32.81 6.28
CA ILE B 201 12.73 -33.50 6.46
C ILE B 201 12.85 -34.03 7.89
N HIS B 202 12.36 -33.27 8.85
CA HIS B 202 12.37 -33.70 10.25
C HIS B 202 11.20 -34.64 10.52
N LEU B 203 10.45 -34.98 9.48
CA LEU B 203 9.32 -35.88 9.59
C LEU B 203 9.68 -37.27 9.10
N ALA B 204 10.48 -37.33 8.04
CA ALA B 204 10.96 -38.61 7.53
C ALA B 204 12.10 -39.13 8.42
N CYS B 205 12.89 -38.20 8.94
CA CYS B 205 14.00 -38.51 9.83
C CYS B 205 13.57 -39.47 10.94
N LYS B 206 12.33 -39.30 11.40
CA LYS B 206 11.77 -40.19 12.41
C LYS B 206 11.26 -41.47 11.75
N TRP B 207 10.48 -41.31 10.69
CA TRP B 207 9.91 -42.38 9.91
C TRP B 207 10.94 -43.45 9.57
N SER B 208 12.12 -43.02 9.13
CA SER B 208 13.18 -43.95 8.78
C SER B 208 14.04 -44.27 10.00
N ASN B 209 13.88 -43.47 11.05
CA ASN B 209 14.66 -43.58 12.26
C ASN B 209 16.12 -43.13 12.06
N TRP B 210 16.28 -41.87 11.68
CA TRP B 210 17.58 -41.34 11.31
C TRP B 210 18.00 -40.14 12.18
N GLU B 211 19.21 -39.69 11.94
CA GLU B 211 19.90 -38.60 12.58
C GLU B 211 21.13 -38.23 11.77
N ILE B 212 21.09 -37.11 11.07
CA ILE B 212 22.16 -36.73 10.16
C ILE B 212 23.30 -36.02 10.85
N PRO B 213 24.44 -36.70 10.97
CA PRO B 213 25.63 -36.10 11.59
C PRO B 213 25.96 -34.78 10.90
N VAL B 214 26.19 -33.72 11.66
CA VAL B 214 26.24 -32.40 11.04
C VAL B 214 27.56 -31.65 11.25
N SER B 215 27.42 -30.35 11.04
CA SER B 215 28.40 -29.30 10.98
C SER B 215 29.50 -29.43 12.03
N THR B 216 30.72 -29.09 11.61
CA THR B 216 31.84 -28.93 12.54
C THR B 216 32.07 -27.46 12.85
N ASP B 217 31.07 -26.61 12.55
CA ASP B 217 31.20 -25.19 12.77
C ASP B 217 30.50 -24.76 14.05
N GLY B 218 29.48 -25.50 14.42
CA GLY B 218 28.74 -25.25 15.66
C GLY B 218 27.26 -25.05 15.37
N LYS B 219 26.94 -24.95 14.09
CA LYS B 219 25.57 -24.79 13.60
C LYS B 219 24.96 -26.14 13.25
N HIS B 220 23.65 -26.16 13.02
CA HIS B 220 22.96 -27.38 12.63
C HIS B 220 22.57 -27.36 11.15
N TRP B 221 22.04 -28.47 10.66
CA TRP B 221 21.70 -28.59 9.25
C TRP B 221 20.33 -27.97 8.95
N TRP B 222 19.50 -27.78 9.96
CA TRP B 222 18.21 -27.13 9.71
C TRP B 222 18.38 -25.62 9.68
N GLU B 223 19.62 -25.19 9.80
CA GLU B 223 19.99 -23.78 9.84
C GLU B 223 20.46 -23.30 8.48
N TYR B 224 20.85 -24.23 7.63
CA TYR B 224 21.33 -23.92 6.29
C TYR B 224 20.19 -23.46 5.38
N VAL B 225 19.15 -24.28 5.26
CA VAL B 225 18.01 -23.87 4.45
C VAL B 225 17.42 -22.56 4.99
N ASP B 226 17.56 -22.36 6.30
CA ASP B 226 17.06 -21.21 7.03
C ASP B 226 17.75 -21.12 8.39
N ALA B 227 18.38 -19.98 8.67
CA ALA B 227 19.02 -19.76 9.95
C ALA B 227 18.01 -19.28 11.00
N THR B 228 16.74 -19.29 10.64
CA THR B 228 15.68 -18.88 11.55
C THR B 228 14.94 -20.09 12.13
N VAL B 229 14.80 -21.11 11.31
CA VAL B 229 14.17 -22.38 11.66
C VAL B 229 14.58 -22.86 13.05
N THR B 230 13.64 -23.47 13.77
CA THR B 230 13.89 -23.98 15.11
C THR B 230 13.65 -25.49 15.17
N LEU B 231 14.05 -26.08 16.30
CA LEU B 231 13.87 -27.52 16.51
C LEU B 231 12.51 -27.79 17.14
N GLU B 232 12.17 -26.98 18.15
CA GLU B 232 10.88 -27.12 18.81
C GLU B 232 9.77 -27.08 17.75
N LEU B 233 9.87 -26.08 16.88
CA LEU B 233 8.95 -25.87 15.79
C LEU B 233 9.02 -26.99 14.77
N LEU B 234 10.22 -27.52 14.57
CA LEU B 234 10.41 -28.65 13.66
C LEU B 234 9.55 -29.83 14.09
N ASP B 235 9.64 -30.17 15.38
CA ASP B 235 8.76 -31.22 15.91
C ASP B 235 7.34 -30.67 16.03
N GLU B 236 7.25 -29.42 16.49
CA GLU B 236 5.99 -28.75 16.69
C GLU B 236 5.09 -28.86 15.47
N LEU B 237 5.68 -28.71 14.29
CA LEU B 237 5.00 -28.81 13.02
C LEU B 237 4.81 -30.25 12.56
N THR B 238 5.75 -31.11 12.92
CA THR B 238 5.70 -32.51 12.55
C THR B 238 4.44 -33.18 13.08
N HIS B 239 4.01 -32.73 14.25
CA HIS B 239 2.83 -33.24 14.91
C HIS B 239 1.56 -32.87 14.11
N GLU B 240 1.48 -31.60 13.76
CA GLU B 240 0.39 -31.13 12.89
C GLU B 240 0.45 -31.87 11.55
N PHE B 241 1.61 -31.76 10.90
CA PHE B 241 1.88 -32.39 9.61
C PHE B 241 1.39 -33.84 9.58
N LEU B 242 1.98 -34.66 10.45
CA LEU B 242 1.59 -36.07 10.57
C LEU B 242 0.10 -36.19 10.87
N GLN B 243 -0.36 -35.39 11.81
CA GLN B 243 -1.76 -35.39 12.23
C GLN B 243 -2.68 -35.03 11.06
N ILE B 244 -2.25 -34.07 10.25
CA ILE B 244 -2.98 -33.63 9.07
C ILE B 244 -3.11 -34.74 8.04
N LEU B 245 -2.27 -35.76 8.17
CA LEU B 245 -2.39 -36.95 7.31
C LEU B 245 -2.86 -38.13 8.16
N GLU B 246 -2.80 -37.92 9.47
CA GLU B 246 -3.21 -38.89 10.48
C GLU B 246 -4.72 -38.92 10.63
N LYS B 247 -5.42 -38.05 9.90
CA LYS B 247 -6.88 -38.04 9.97
C LYS B 247 -7.46 -38.04 8.56
N THR B 248 -6.54 -38.09 7.59
CA THR B 248 -6.85 -38.25 6.18
C THR B 248 -6.78 -39.74 5.82
N PRO B 249 -7.85 -40.47 6.07
CA PRO B 249 -7.80 -41.94 5.95
C PRO B 249 -7.90 -42.39 4.50
N ASN B 250 -7.85 -41.43 3.59
CA ASN B 250 -7.80 -41.69 2.16
C ASN B 250 -6.37 -41.62 1.64
N ARG B 251 -5.76 -40.45 1.76
CA ARG B 251 -4.41 -40.21 1.29
C ARG B 251 -3.37 -40.75 2.26
N LEU B 252 -3.76 -40.98 3.53
CA LEU B 252 -2.75 -41.42 4.50
C LEU B 252 -2.30 -42.85 4.16
N LYS B 253 -3.24 -43.78 4.29
CA LYS B 253 -2.96 -45.19 4.11
C LYS B 253 -2.19 -45.46 2.82
N ARG B 254 -2.61 -44.81 1.74
CA ARG B 254 -1.95 -44.92 0.44
C ARG B 254 -0.48 -44.53 0.55
N ILE B 255 -0.19 -43.66 1.51
CA ILE B 255 1.17 -43.31 1.90
C ILE B 255 1.79 -44.44 2.72
N TRP B 256 0.96 -45.02 3.58
CA TRP B 256 1.31 -46.16 4.41
C TRP B 256 1.60 -47.40 3.56
N ASN B 257 0.86 -47.55 2.47
CA ASN B 257 1.06 -48.67 1.56
C ASN B 257 2.25 -48.42 0.64
N TRP B 258 2.58 -47.15 0.44
CA TRP B 258 3.74 -46.78 -0.37
C TRP B 258 5.04 -47.23 0.29
N ARG B 259 4.97 -47.49 1.60
CA ARG B 259 6.11 -47.92 2.38
C ARG B 259 5.99 -49.41 2.71
N ALA B 260 5.16 -50.09 1.92
CA ALA B 260 4.95 -51.54 2.08
C ALA B 260 6.03 -52.31 1.31
N CYS B 261 6.33 -51.80 0.13
CA CYS B 261 7.41 -52.30 -0.71
C CYS B 261 8.57 -51.31 -0.68
N GLU B 262 8.99 -50.99 0.54
CA GLU B 262 10.06 -50.04 0.81
C GLU B 262 11.27 -50.72 1.46
N ALA B 263 10.98 -51.61 2.39
CA ALA B 263 11.98 -52.38 3.12
C ALA B 263 11.60 -53.86 3.20
N ASN C 8 -10.65 10.04 -7.89
CA ASN C 8 -11.31 8.84 -8.42
C ASN C 8 -10.35 8.00 -9.26
N ASN C 9 -9.41 7.32 -8.61
CA ASN C 9 -9.27 7.36 -7.16
C ASN C 9 -7.94 7.96 -6.75
N LYS C 10 -7.45 8.93 -7.52
CA LYS C 10 -6.21 9.62 -7.18
C LYS C 10 -4.98 8.77 -7.41
N ARG C 11 -5.15 7.68 -8.14
CA ARG C 11 -4.06 6.79 -8.53
C ARG C 11 -3.86 6.88 -10.05
N TRP C 12 -4.96 7.24 -10.70
CA TRP C 12 -5.08 7.39 -12.14
C TRP C 12 -4.81 8.83 -12.58
N TYR C 13 -4.53 9.67 -11.60
CA TYR C 13 -4.21 11.08 -11.81
C TYR C 13 -2.86 11.44 -11.18
N PHE C 14 -1.85 11.53 -12.03
CA PHE C 14 -0.48 11.91 -11.71
C PHE C 14 -0.07 13.13 -12.54
N THR C 15 0.92 13.88 -12.05
CA THR C 15 1.39 15.01 -12.84
C THR C 15 2.07 14.52 -14.12
N ARG C 16 2.64 15.42 -14.90
CA ARG C 16 3.32 15.12 -16.15
C ARG C 16 4.43 14.09 -16.01
N GLU C 17 4.91 13.89 -14.79
CA GLU C 17 5.90 12.87 -14.44
C GLU C 17 5.52 11.55 -15.12
N GLN C 18 4.24 11.23 -15.13
CA GLN C 18 3.77 9.99 -15.75
C GLN C 18 2.88 10.28 -16.96
N LEU C 19 2.89 11.52 -17.42
CA LEU C 19 2.13 11.92 -18.61
C LEU C 19 2.92 11.57 -19.87
N GLU C 20 4.12 12.11 -19.97
CA GLU C 20 5.16 11.81 -20.93
C GLU C 20 5.92 10.55 -20.53
N ASN C 21 5.60 9.98 -19.36
CA ASN C 21 6.33 8.78 -18.96
C ASN C 21 5.60 7.52 -19.42
N SER C 22 4.41 7.72 -19.98
CA SER C 22 3.58 6.65 -20.51
C SER C 22 4.41 5.67 -21.33
N PRO C 23 4.09 4.39 -21.21
CA PRO C 23 4.78 3.31 -21.91
C PRO C 23 5.05 3.68 -23.37
N SER C 24 4.01 4.18 -24.02
CA SER C 24 4.10 4.63 -25.40
C SER C 24 4.89 5.92 -25.52
N ARG C 25 5.00 6.68 -24.44
CA ARG C 25 5.78 7.92 -24.50
C ARG C 25 7.27 7.69 -24.31
N ARG C 26 7.67 6.43 -24.15
CA ARG C 26 9.11 6.14 -24.01
C ARG C 26 9.46 4.83 -24.72
N PHE C 27 8.45 4.02 -25.03
CA PHE C 27 8.75 2.75 -25.71
C PHE C 27 8.88 2.94 -27.21
N GLY C 28 9.26 4.15 -27.64
CA GLY C 28 9.51 4.46 -29.02
C GLY C 28 8.38 5.14 -29.75
N VAL C 29 7.58 5.95 -29.08
CA VAL C 29 6.49 6.65 -29.74
C VAL C 29 6.51 8.14 -29.38
N ASP C 30 6.96 8.96 -30.33
CA ASP C 30 6.99 10.40 -30.16
C ASP C 30 5.65 10.92 -29.65
N PRO C 31 5.66 11.90 -28.76
CA PRO C 31 4.41 12.46 -28.24
C PRO C 31 3.47 12.89 -29.36
N ASP C 32 4.04 13.30 -30.48
CA ASP C 32 3.27 13.70 -31.66
C ASP C 32 2.46 12.53 -32.22
N LYS C 33 2.88 11.32 -31.87
CA LYS C 33 2.25 10.10 -32.36
C LYS C 33 1.45 9.40 -31.25
N GLU C 34 0.66 10.16 -30.53
CA GLU C 34 -0.15 9.60 -29.45
C GLU C 34 -1.56 10.17 -29.43
N LEU C 35 -1.69 11.47 -29.66
CA LEU C 35 -3.01 12.09 -29.74
C LEU C 35 -3.62 11.87 -31.14
N SER C 36 -2.94 11.07 -31.93
CA SER C 36 -3.39 10.66 -33.26
C SER C 36 -3.73 9.17 -33.25
N TYR C 37 -3.00 8.45 -32.41
CA TYR C 37 -3.18 7.03 -32.16
C TYR C 37 -4.42 6.79 -31.29
N ARG C 38 -4.53 7.59 -30.23
CA ARG C 38 -5.64 7.54 -29.30
C ARG C 38 -6.96 7.85 -30.02
N GLN C 39 -7.06 9.10 -30.44
CA GLN C 39 -8.19 9.64 -31.17
C GLN C 39 -8.72 8.65 -32.19
N GLN C 40 -7.88 8.38 -33.18
CA GLN C 40 -8.14 7.45 -34.28
C GLN C 40 -8.84 6.19 -33.77
N ALA C 41 -8.17 5.47 -32.89
CA ALA C 41 -8.75 4.26 -32.29
C ALA C 41 -9.96 4.63 -31.45
N ALA C 42 -10.02 5.88 -31.03
CA ALA C 42 -11.13 6.44 -30.28
C ALA C 42 -12.22 6.96 -31.22
N ASN C 43 -11.94 6.88 -32.52
CA ASN C 43 -12.89 7.32 -33.54
C ASN C 43 -13.74 6.14 -34.02
N LEU C 44 -13.22 4.94 -33.88
CA LEU C 44 -13.97 3.73 -34.23
C LEU C 44 -14.84 3.33 -33.04
N LEU C 45 -14.42 3.76 -31.86
CA LEU C 45 -15.20 3.55 -30.65
C LEU C 45 -16.59 4.17 -30.78
N GLN C 46 -16.56 5.45 -31.11
CA GLN C 46 -17.73 6.30 -31.29
C GLN C 46 -18.44 5.98 -32.60
N ASP C 47 -17.94 4.98 -33.33
CA ASP C 47 -18.57 4.62 -34.59
C ASP C 47 -18.89 3.13 -34.62
N MET C 48 -17.86 2.29 -34.49
CA MET C 48 -18.07 0.86 -34.40
C MET C 48 -18.84 0.53 -33.12
N GLY C 49 -18.77 1.44 -32.15
CA GLY C 49 -19.54 1.36 -30.92
C GLY C 49 -20.91 1.98 -31.14
N GLN C 50 -20.93 3.16 -31.73
CA GLN C 50 -22.16 3.84 -32.11
C GLN C 50 -22.87 3.09 -33.23
N ARG C 51 -23.28 1.86 -32.95
CA ARG C 51 -23.86 0.95 -33.94
C ARG C 51 -24.85 0.02 -33.27
N LEU C 52 -24.38 -0.74 -32.27
CA LEU C 52 -25.31 -1.61 -31.54
C LEU C 52 -26.11 -0.81 -30.51
N ASN C 53 -26.70 0.29 -30.95
CA ASN C 53 -27.43 1.25 -30.14
C ASN C 53 -26.64 1.65 -28.90
N VAL C 54 -25.32 1.64 -28.99
CA VAL C 54 -24.50 1.96 -27.82
C VAL C 54 -24.81 3.34 -27.30
N SER C 55 -25.28 3.39 -26.05
CA SER C 55 -25.55 4.69 -25.44
C SER C 55 -24.27 5.50 -25.38
N GLN C 56 -24.38 6.81 -25.15
CA GLN C 56 -23.15 7.57 -24.93
C GLN C 56 -22.42 6.96 -23.73
N LEU C 57 -23.22 6.53 -22.77
CA LEU C 57 -22.78 5.77 -21.61
C LEU C 57 -21.74 4.73 -22.00
N THR C 58 -22.11 3.92 -22.99
CA THR C 58 -21.29 2.82 -23.45
C THR C 58 -20.12 3.27 -24.31
N ILE C 59 -20.16 4.50 -24.82
CA ILE C 59 -19.08 4.97 -25.70
C ILE C 59 -17.91 5.54 -24.90
N ASN C 60 -18.22 6.23 -23.80
CA ASN C 60 -17.18 6.88 -22.99
C ASN C 60 -16.47 5.87 -22.09
N THR C 61 -17.22 4.94 -21.52
CA THR C 61 -16.65 3.88 -20.69
C THR C 61 -15.48 3.20 -21.41
N ALA C 62 -15.67 3.05 -22.71
CA ALA C 62 -14.69 2.41 -23.58
C ALA C 62 -13.69 3.44 -24.10
N ILE C 63 -13.95 4.71 -23.83
CA ILE C 63 -13.06 5.81 -24.21
C ILE C 63 -11.98 5.98 -23.17
N VAL C 64 -12.24 5.41 -21.99
CA VAL C 64 -11.26 5.40 -20.90
C VAL C 64 -10.73 3.99 -20.72
N TYR C 65 -11.42 3.05 -21.38
CA TYR C 65 -11.01 1.64 -21.37
C TYR C 65 -9.96 1.38 -22.45
N MET C 66 -9.48 2.47 -23.05
CA MET C 66 -8.42 2.44 -24.05
C MET C 66 -7.32 3.44 -23.66
N HIS C 67 -7.77 4.66 -23.37
CA HIS C 67 -6.88 5.70 -22.88
C HIS C 67 -6.06 5.16 -21.70
N ARG C 68 -6.77 4.80 -20.64
CA ARG C 68 -6.14 4.30 -19.43
C ARG C 68 -5.57 2.90 -19.60
N PHE C 69 -6.19 2.08 -20.45
CA PHE C 69 -5.65 0.74 -20.64
C PHE C 69 -4.27 0.83 -21.31
N TYR C 70 -4.17 1.65 -22.35
CA TYR C 70 -2.88 1.80 -23.01
C TYR C 70 -1.96 2.67 -22.15
N MET C 71 -2.56 3.28 -21.12
CA MET C 71 -1.79 4.05 -20.15
C MET C 71 -0.71 3.17 -19.53
N ILE C 72 -1.11 1.93 -19.22
CA ILE C 72 -0.20 0.95 -18.65
C ILE C 72 0.38 0.05 -19.74
N GLN C 73 -0.36 -0.07 -20.83
CA GLN C 73 0.07 -0.92 -21.94
C GLN C 73 0.72 -0.09 -23.05
N SER C 74 0.93 -0.74 -24.19
CA SER C 74 1.59 -0.12 -25.34
C SER C 74 0.92 -0.53 -26.64
N PHE C 75 1.17 0.24 -27.69
CA PHE C 75 0.64 -0.04 -29.02
C PHE C 75 1.63 -0.89 -29.82
N THR C 76 2.87 -0.85 -29.37
CA THR C 76 3.99 -1.53 -29.99
C THR C 76 3.89 -3.05 -29.81
N ARG C 77 2.92 -3.47 -29.00
CA ARG C 77 2.71 -4.89 -28.79
C ARG C 77 1.24 -5.20 -28.47
N PHE C 78 0.31 -4.54 -29.15
CA PHE C 78 -1.11 -4.75 -28.91
C PHE C 78 -1.97 -4.14 -30.02
N PRO C 79 -2.88 -4.96 -30.52
CA PRO C 79 -3.79 -4.52 -31.59
C PRO C 79 -4.71 -3.40 -31.13
N GLY C 80 -4.30 -2.15 -31.32
CA GLY C 80 -5.09 -1.00 -30.91
C GLY C 80 -6.48 -0.98 -31.52
N ASN C 81 -6.54 -0.79 -32.83
CA ASN C 81 -7.82 -0.74 -33.54
C ASN C 81 -8.67 -1.97 -33.23
N SER C 82 -8.01 -3.10 -32.96
CA SER C 82 -8.72 -4.31 -32.56
C SER C 82 -8.63 -4.51 -31.05
N VAL C 83 -8.27 -3.45 -30.33
CA VAL C 83 -8.24 -3.53 -28.87
C VAL C 83 -9.55 -2.98 -28.32
N ALA C 84 -10.11 -2.02 -29.05
CA ALA C 84 -11.45 -1.50 -28.82
C ALA C 84 -12.44 -2.60 -28.44
N PRO C 85 -12.51 -3.70 -29.17
CA PRO C 85 -13.36 -4.82 -28.74
C PRO C 85 -13.11 -5.21 -27.29
N ALA C 86 -11.86 -5.07 -26.85
CA ALA C 86 -11.50 -5.36 -25.47
C ALA C 86 -12.06 -4.30 -24.52
N ALA C 87 -11.72 -3.04 -24.79
CA ALA C 87 -12.22 -1.92 -24.00
C ALA C 87 -13.74 -1.83 -24.07
N LEU C 88 -14.26 -2.25 -25.22
CA LEU C 88 -15.68 -2.24 -25.53
C LEU C 88 -16.36 -3.55 -25.21
N PHE C 89 -15.57 -4.53 -24.75
CA PHE C 89 -16.20 -5.77 -24.30
C PHE C 89 -16.61 -5.61 -22.84
N LEU C 90 -15.69 -5.07 -22.03
CA LEU C 90 -15.98 -4.80 -20.63
C LEU C 90 -16.87 -3.58 -20.50
N ALA C 91 -16.63 -2.57 -21.32
CA ALA C 91 -17.42 -1.34 -21.33
C ALA C 91 -18.89 -1.64 -21.65
N ALA C 92 -19.11 -2.14 -22.86
CA ALA C 92 -20.44 -2.49 -23.33
C ALA C 92 -21.09 -3.53 -22.43
N LYS C 93 -20.27 -4.39 -21.82
CA LYS C 93 -20.83 -5.41 -20.92
C LYS C 93 -21.08 -4.83 -19.54
N VAL C 94 -20.12 -4.08 -19.01
CA VAL C 94 -20.26 -3.41 -17.72
C VAL C 94 -21.57 -2.64 -17.67
N GLU C 95 -21.71 -1.66 -18.56
CA GLU C 95 -22.98 -0.93 -18.63
C GLU C 95 -24.12 -1.92 -18.86
N GLU C 96 -25.30 -1.55 -18.40
CA GLU C 96 -26.50 -2.36 -18.39
C GLU C 96 -26.67 -3.21 -19.65
N GLN C 97 -26.26 -2.69 -20.80
CA GLN C 97 -26.45 -3.43 -22.05
C GLN C 97 -25.13 -4.04 -22.54
N PRO C 98 -24.89 -5.29 -22.15
CA PRO C 98 -23.74 -6.06 -22.63
C PRO C 98 -24.05 -6.71 -23.98
N LYS C 99 -23.07 -7.37 -24.59
CA LYS C 99 -23.33 -8.01 -25.88
C LYS C 99 -22.66 -9.38 -26.02
N LYS C 100 -22.36 -9.74 -27.27
CA LYS C 100 -21.83 -11.06 -27.57
C LYS C 100 -20.36 -11.03 -27.94
N LEU C 101 -19.87 -12.18 -28.40
CA LEU C 101 -18.50 -12.36 -28.86
C LEU C 101 -18.33 -11.89 -30.30
N GLU C 102 -19.45 -11.82 -31.02
CA GLU C 102 -19.36 -11.44 -32.43
C GLU C 102 -19.88 -10.02 -32.68
N HIS C 103 -20.98 -9.67 -32.06
CA HIS C 103 -21.69 -8.41 -32.24
C HIS C 103 -20.73 -7.22 -32.30
N VAL C 104 -19.70 -7.24 -31.48
CA VAL C 104 -18.76 -6.11 -31.47
C VAL C 104 -17.47 -6.47 -32.22
N ILE C 105 -17.51 -7.58 -32.94
CA ILE C 105 -16.38 -8.11 -33.68
C ILE C 105 -16.70 -8.33 -35.15
N LYS C 106 -18.00 -8.35 -35.49
CA LYS C 106 -18.38 -8.52 -36.89
C LYS C 106 -18.44 -7.17 -37.57
N VAL C 107 -19.09 -6.21 -36.91
CA VAL C 107 -19.15 -4.85 -37.44
C VAL C 107 -17.74 -4.27 -37.48
N ALA C 108 -16.86 -4.80 -36.63
CA ALA C 108 -15.45 -4.40 -36.66
C ALA C 108 -14.93 -4.58 -38.08
N HIS C 109 -15.14 -5.76 -38.64
CA HIS C 109 -14.80 -6.06 -40.03
C HIS C 109 -15.45 -5.05 -40.97
N THR C 110 -16.58 -4.48 -40.58
CA THR C 110 -17.23 -3.43 -41.34
C THR C 110 -16.40 -2.14 -41.28
N CYS C 111 -16.30 -1.60 -40.08
CA CYS C 111 -15.59 -0.37 -39.80
C CYS C 111 -14.09 -0.46 -40.10
N LEU C 112 -13.53 -1.65 -39.90
CA LEU C 112 -12.12 -1.92 -40.06
C LEU C 112 -11.78 -2.26 -41.50
N HIS C 113 -12.41 -3.32 -42.01
CA HIS C 113 -12.25 -3.76 -43.38
C HIS C 113 -13.45 -3.32 -44.22
N PRO C 114 -13.46 -2.07 -44.66
CA PRO C 114 -14.61 -1.57 -45.42
C PRO C 114 -14.63 -2.05 -46.87
N GLN C 115 -13.79 -3.04 -47.18
CA GLN C 115 -13.73 -3.58 -48.54
C GLN C 115 -13.56 -5.10 -48.52
N GLU C 116 -12.73 -5.60 -47.62
CA GLU C 116 -12.43 -7.02 -47.49
C GLU C 116 -13.69 -7.86 -47.52
N SER C 117 -13.55 -9.13 -47.91
CA SER C 117 -14.69 -10.02 -48.06
C SER C 117 -15.36 -10.31 -46.71
N LEU C 118 -16.46 -11.05 -46.75
CA LEU C 118 -17.22 -11.40 -45.56
C LEU C 118 -16.41 -12.29 -44.62
N PRO C 119 -16.68 -12.21 -43.33
CA PRO C 119 -15.99 -13.01 -42.32
C PRO C 119 -16.77 -14.28 -41.99
N ASP C 120 -16.25 -15.11 -41.08
CA ASP C 120 -16.99 -16.34 -40.77
C ASP C 120 -16.64 -16.93 -39.41
N THR C 121 -17.59 -17.69 -38.87
CA THR C 121 -17.43 -18.38 -37.60
C THR C 121 -16.59 -19.64 -37.76
N ARG C 122 -16.58 -20.18 -38.98
CA ARG C 122 -15.82 -21.36 -39.32
C ARG C 122 -14.47 -20.99 -39.95
N SER C 123 -14.46 -19.90 -40.71
CA SER C 123 -13.26 -19.39 -41.36
C SER C 123 -12.07 -19.38 -40.41
N GLU C 124 -10.85 -19.33 -40.95
CA GLU C 124 -9.67 -19.24 -40.08
C GLU C 124 -9.78 -18.02 -39.17
N ALA C 125 -10.46 -16.99 -39.67
CA ALA C 125 -10.79 -15.80 -38.91
C ALA C 125 -11.81 -16.14 -37.83
N TYR C 126 -12.04 -15.19 -36.91
CA TYR C 126 -13.00 -15.36 -35.82
C TYR C 126 -12.48 -16.30 -34.72
N LEU C 127 -11.35 -16.95 -35.00
CA LEU C 127 -10.67 -17.83 -34.07
C LEU C 127 -9.71 -17.04 -33.18
N GLN C 128 -8.63 -16.55 -33.78
CA GLN C 128 -7.64 -15.73 -33.10
C GLN C 128 -8.23 -14.38 -32.72
N GLN C 129 -9.39 -14.06 -33.29
CA GLN C 129 -10.16 -12.91 -32.88
C GLN C 129 -10.86 -13.22 -31.55
N VAL C 130 -11.51 -14.38 -31.53
CA VAL C 130 -12.15 -14.87 -30.30
C VAL C 130 -11.11 -15.59 -29.44
N GLN C 131 -9.87 -15.52 -29.90
CA GLN C 131 -8.74 -15.95 -29.08
C GLN C 131 -8.19 -14.72 -28.35
N ASP C 132 -7.36 -13.99 -29.07
CA ASP C 132 -6.76 -12.76 -28.54
C ASP C 132 -7.80 -11.85 -27.91
N LEU C 133 -8.76 -11.35 -28.67
CA LEU C 133 -9.76 -10.44 -28.10
C LEU C 133 -10.45 -11.05 -26.89
N VAL C 134 -10.87 -12.31 -27.03
CA VAL C 134 -11.52 -13.00 -25.91
C VAL C 134 -10.59 -13.03 -24.69
N ILE C 135 -9.30 -13.09 -24.95
CA ILE C 135 -8.31 -13.17 -23.86
C ILE C 135 -7.86 -11.79 -23.42
N LEU C 136 -7.95 -10.84 -24.34
CA LEU C 136 -7.57 -9.45 -24.06
C LEU C 136 -8.33 -8.94 -22.84
N GLU C 137 -9.59 -9.36 -22.75
CA GLU C 137 -10.44 -9.03 -21.61
C GLU C 137 -9.74 -9.40 -20.30
N SER C 138 -8.95 -10.47 -20.33
CA SER C 138 -8.11 -10.86 -19.22
C SER C 138 -6.97 -9.85 -19.05
N ILE C 139 -6.37 -9.49 -20.18
CA ILE C 139 -5.21 -8.63 -20.27
C ILE C 139 -5.49 -7.18 -19.93
N ILE C 140 -6.74 -6.81 -19.66
CA ILE C 140 -7.05 -5.40 -19.46
C ILE C 140 -7.45 -5.05 -18.04
N LEU C 141 -8.49 -5.72 -17.53
CA LEU C 141 -9.03 -5.41 -16.21
C LEU C 141 -7.94 -5.40 -15.14
N GLN C 142 -7.02 -6.35 -15.26
CA GLN C 142 -6.02 -6.56 -14.21
C GLN C 142 -5.03 -5.40 -14.14
N THR C 143 -4.83 -4.73 -15.27
CA THR C 143 -4.07 -3.48 -15.27
C THR C 143 -4.93 -2.36 -14.68
N LEU C 144 -6.20 -2.38 -15.05
CA LEU C 144 -7.19 -1.45 -14.54
C LEU C 144 -7.76 -1.94 -13.21
N GLY C 145 -6.94 -2.66 -12.47
CA GLY C 145 -7.17 -3.19 -11.16
C GLY C 145 -8.48 -3.90 -10.95
N PHE C 146 -9.11 -4.39 -12.02
CA PHE C 146 -10.38 -5.09 -11.93
C PHE C 146 -11.53 -4.16 -11.55
N GLU C 147 -11.25 -2.87 -11.49
CA GLU C 147 -12.21 -1.86 -11.09
C GLU C 147 -13.49 -1.91 -11.91
N LEU C 148 -14.48 -1.13 -11.49
CA LEU C 148 -15.77 -1.00 -12.14
C LEU C 148 -16.40 0.35 -11.84
N THR C 149 -15.56 1.33 -11.53
CA THR C 149 -16.02 2.68 -11.19
C THR C 149 -15.45 3.72 -12.16
N ILE C 150 -16.32 4.29 -12.98
CA ILE C 150 -15.93 5.32 -13.93
C ILE C 150 -17.08 6.29 -14.20
N ASP C 151 -17.04 7.44 -13.56
CA ASP C 151 -18.07 8.45 -13.78
C ASP C 151 -17.55 9.57 -14.68
N HIS C 152 -17.68 9.39 -16.00
CA HIS C 152 -17.21 10.40 -16.93
C HIS C 152 -17.83 11.75 -16.62
N PRO C 153 -17.05 12.81 -16.80
CA PRO C 153 -17.48 14.17 -16.47
C PRO C 153 -18.72 14.59 -17.25
N HIS C 154 -19.90 14.20 -16.78
CA HIS C 154 -21.15 14.48 -17.48
C HIS C 154 -22.31 14.65 -16.50
N THR C 155 -22.50 13.62 -15.69
CA THR C 155 -23.58 13.45 -14.73
C THR C 155 -23.94 14.75 -14.03
N HIS C 156 -22.93 15.57 -13.72
CA HIS C 156 -23.14 16.87 -13.10
C HIS C 156 -23.46 17.91 -14.17
N VAL C 157 -22.72 17.83 -15.28
CA VAL C 157 -22.96 18.74 -16.40
C VAL C 157 -24.41 18.61 -16.86
N VAL C 158 -24.95 17.40 -16.73
CA VAL C 158 -26.33 17.13 -17.09
C VAL C 158 -27.25 17.41 -15.90
N LYS C 159 -26.62 17.77 -14.79
CA LYS C 159 -27.30 18.03 -13.52
C LYS C 159 -27.26 19.50 -13.14
N CYS C 160 -26.32 20.24 -13.73
CA CYS C 160 -26.16 21.66 -13.44
C CYS C 160 -27.15 22.51 -14.24
N THR C 161 -27.53 22.02 -15.41
CA THR C 161 -28.42 22.71 -16.33
C THR C 161 -29.64 23.31 -15.65
N GLN C 162 -30.56 22.43 -15.26
CA GLN C 162 -31.85 22.78 -14.72
C GLN C 162 -31.76 23.68 -13.49
N LEU C 163 -31.17 23.16 -12.43
CA LEU C 163 -31.07 23.89 -11.16
C LEU C 163 -30.53 25.30 -11.34
N VAL C 164 -29.65 25.47 -12.32
CA VAL C 164 -29.13 26.80 -12.64
C VAL C 164 -30.00 27.45 -13.72
N ARG C 165 -30.75 26.62 -14.42
CA ARG C 165 -31.68 27.07 -15.45
C ARG C 165 -30.93 27.61 -16.67
N ALA C 166 -30.21 26.71 -17.35
CA ALA C 166 -29.57 27.08 -18.61
C ALA C 166 -30.63 27.15 -19.70
N SER C 167 -30.20 27.21 -20.96
CA SER C 167 -31.20 27.30 -22.03
C SER C 167 -31.16 26.07 -22.93
N LYS C 168 -31.51 26.28 -24.19
CA LYS C 168 -31.51 25.23 -25.20
C LYS C 168 -30.28 25.36 -26.09
N ASP C 169 -29.36 26.24 -25.70
CA ASP C 169 -28.17 26.52 -26.49
C ASP C 169 -26.91 26.50 -25.65
N LEU C 170 -27.07 26.71 -24.34
CA LEU C 170 -25.91 26.61 -23.45
C LEU C 170 -25.84 25.21 -22.84
N ALA C 171 -26.97 24.76 -22.29
CA ALA C 171 -27.06 23.42 -21.74
C ALA C 171 -27.04 22.39 -22.87
N GLN C 172 -27.55 22.82 -24.03
CA GLN C 172 -27.57 22.00 -25.23
C GLN C 172 -26.15 21.86 -25.79
N THR C 173 -25.32 22.83 -25.45
CA THR C 173 -23.91 22.89 -25.84
C THR C 173 -23.03 22.22 -24.79
N SER C 174 -23.64 21.85 -23.67
CA SER C 174 -22.94 21.27 -22.53
C SER C 174 -22.57 19.80 -22.76
N TYR C 175 -23.53 19.02 -23.23
CA TYR C 175 -23.35 17.61 -23.51
C TYR C 175 -22.06 17.34 -24.29
N PHE C 176 -21.89 18.08 -25.37
CA PHE C 176 -20.94 17.99 -26.44
C PHE C 176 -19.50 18.30 -26.08
N MET C 177 -19.26 19.07 -25.02
CA MET C 177 -17.87 19.40 -24.69
C MET C 177 -17.21 18.31 -23.87
N ALA C 178 -18.00 17.62 -23.05
CA ALA C 178 -17.44 16.53 -22.25
C ALA C 178 -16.92 15.43 -23.17
N THR C 179 -17.79 14.92 -24.03
CA THR C 179 -17.47 13.89 -25.00
C THR C 179 -16.16 14.16 -25.71
N ASN C 180 -16.11 15.26 -26.46
CA ASN C 180 -14.92 15.62 -27.23
C ASN C 180 -13.66 15.62 -26.38
N SER C 181 -13.80 15.90 -25.08
CA SER C 181 -12.65 15.87 -24.18
C SER C 181 -12.24 14.43 -23.90
N LEU C 182 -13.09 13.51 -24.32
CA LEU C 182 -12.85 12.07 -24.20
C LEU C 182 -12.22 11.51 -25.47
N HIS C 183 -12.43 12.21 -26.59
CA HIS C 183 -11.86 11.76 -27.86
C HIS C 183 -10.71 12.64 -28.29
N LEU C 184 -10.28 13.56 -27.44
CA LEU C 184 -9.19 14.46 -27.79
C LEU C 184 -8.16 14.62 -26.68
N THR C 185 -8.59 15.21 -25.56
CA THR C 185 -7.64 15.56 -24.50
C THR C 185 -7.42 14.45 -23.48
N THR C 186 -6.32 14.56 -22.76
CA THR C 186 -5.87 13.61 -21.76
C THR C 186 -6.38 13.93 -20.37
N PHE C 187 -7.53 14.60 -20.29
CA PHE C 187 -8.10 14.97 -18.99
C PHE C 187 -8.70 13.77 -18.29
N SER C 188 -8.68 12.62 -18.95
CA SER C 188 -9.17 11.39 -18.36
C SER C 188 -8.34 10.97 -17.15
N LEU C 189 -7.04 10.82 -17.36
CA LEU C 189 -6.15 10.37 -16.28
C LEU C 189 -5.33 11.51 -15.71
N GLN C 190 -5.94 12.70 -15.64
CA GLN C 190 -5.28 13.86 -15.08
C GLN C 190 -6.25 14.71 -14.25
N TYR C 191 -7.37 15.08 -14.85
CA TYR C 191 -8.38 15.87 -14.16
C TYR C 191 -9.66 15.07 -13.92
N THR C 192 -10.15 15.09 -12.69
CA THR C 192 -11.38 14.42 -12.30
C THR C 192 -12.56 14.88 -13.15
N PRO C 193 -13.54 14.01 -13.31
CA PRO C 193 -14.79 14.32 -14.04
C PRO C 193 -15.46 15.61 -13.60
N PRO C 194 -15.61 15.91 -12.32
CA PRO C 194 -16.24 17.19 -11.96
C PRO C 194 -15.52 18.39 -12.55
N VAL C 195 -14.26 18.57 -12.18
CA VAL C 195 -13.46 19.70 -12.64
C VAL C 195 -13.41 19.77 -14.17
N VAL C 196 -13.46 18.61 -14.81
CA VAL C 196 -13.52 18.51 -16.26
C VAL C 196 -14.92 18.84 -16.76
N ALA C 197 -15.84 19.14 -15.83
CA ALA C 197 -17.20 19.46 -16.22
C ALA C 197 -17.41 20.97 -16.31
N CYS C 198 -16.88 21.71 -15.35
CA CYS C 198 -16.99 23.16 -15.34
C CYS C 198 -16.37 23.77 -16.60
N VAL C 199 -15.42 23.04 -17.16
CA VAL C 199 -14.73 23.45 -18.39
C VAL C 199 -15.63 23.18 -19.59
N CYS C 200 -16.19 21.98 -19.63
CA CYS C 200 -17.08 21.56 -20.72
C CYS C 200 -18.39 22.34 -20.66
N ILE C 201 -18.75 22.81 -19.47
CA ILE C 201 -19.89 23.70 -19.32
C ILE C 201 -19.46 25.13 -19.66
N HIS C 202 -18.17 25.39 -19.43
CA HIS C 202 -17.54 26.67 -19.65
C HIS C 202 -17.47 27.02 -21.14
N LEU C 203 -17.25 26.02 -21.99
CA LEU C 203 -17.09 26.22 -23.41
C LEU C 203 -18.41 26.58 -24.11
N ALA C 204 -19.49 26.68 -23.33
CA ALA C 204 -20.77 27.14 -23.84
C ALA C 204 -20.90 28.65 -23.60
N CYS C 205 -20.54 29.05 -22.38
CA CYS C 205 -20.58 30.45 -21.98
C CYS C 205 -19.27 31.15 -22.33
N LYS C 206 -18.23 30.36 -22.57
CA LYS C 206 -16.94 30.87 -23.04
C LYS C 206 -16.98 30.98 -24.57
N TRP C 207 -18.18 30.78 -25.09
CA TRP C 207 -18.53 30.82 -26.50
C TRP C 207 -19.55 31.93 -26.74
N SER C 208 -20.78 31.70 -26.26
CA SER C 208 -21.88 32.63 -26.39
C SER C 208 -21.73 33.82 -25.45
N ASN C 209 -20.82 33.69 -24.48
CA ASN C 209 -20.58 34.71 -23.47
C ASN C 209 -21.72 34.74 -22.46
N TRP C 210 -22.45 33.63 -22.37
CA TRP C 210 -23.54 33.50 -21.41
C TRP C 210 -22.97 33.27 -20.01
N GLU C 211 -22.29 34.29 -19.50
CA GLU C 211 -21.73 34.25 -18.16
C GLU C 211 -22.85 34.09 -17.14
N ILE C 212 -23.22 32.84 -16.86
CA ILE C 212 -24.27 32.51 -15.91
C ILE C 212 -24.03 33.25 -14.59
N PRO C 213 -24.93 34.16 -14.26
CA PRO C 213 -24.79 35.00 -13.07
C PRO C 213 -24.42 34.20 -11.82
N VAL C 214 -23.84 34.90 -10.85
CA VAL C 214 -23.43 34.30 -9.59
C VAL C 214 -24.59 33.55 -8.93
N SER C 215 -24.32 33.02 -7.73
CA SER C 215 -25.39 32.34 -7.00
C SER C 215 -26.10 33.34 -6.09
N THR C 216 -26.88 32.82 -5.14
CA THR C 216 -27.59 33.66 -4.19
C THR C 216 -26.63 34.63 -3.50
N ASP C 217 -25.52 34.10 -2.99
CA ASP C 217 -24.57 34.94 -2.24
C ASP C 217 -23.29 35.19 -3.00
N GLY C 218 -23.39 35.73 -4.21
CA GLY C 218 -22.22 36.01 -5.02
C GLY C 218 -21.32 34.80 -5.15
N LYS C 219 -21.89 33.67 -5.54
CA LYS C 219 -21.15 32.44 -5.70
C LYS C 219 -21.04 32.02 -7.17
N HIS C 220 -19.84 31.58 -7.56
CA HIS C 220 -19.61 31.22 -8.96
C HIS C 220 -20.19 29.84 -9.28
N TRP C 221 -20.75 29.74 -10.49
CA TRP C 221 -21.38 28.53 -10.97
C TRP C 221 -20.43 27.35 -11.01
N TRP C 222 -19.13 27.60 -11.10
CA TRP C 222 -18.20 26.46 -11.22
C TRP C 222 -17.87 25.88 -9.85
N GLU C 223 -18.69 26.21 -8.85
CA GLU C 223 -18.54 25.71 -7.50
C GLU C 223 -19.53 24.59 -7.19
N TYR C 224 -20.27 24.15 -8.21
CA TYR C 224 -21.26 23.10 -8.00
C TYR C 224 -20.69 21.74 -8.38
N VAL C 225 -20.08 21.64 -9.55
CA VAL C 225 -19.53 20.35 -10.00
C VAL C 225 -18.36 19.94 -9.13
N ASP C 226 -17.75 20.93 -8.47
CA ASP C 226 -16.68 20.68 -7.50
C ASP C 226 -16.51 21.90 -6.60
N ALA C 227 -15.94 21.69 -5.42
CA ALA C 227 -15.77 22.79 -4.48
C ALA C 227 -14.42 23.47 -4.67
N THR C 228 -13.55 22.85 -5.45
CA THR C 228 -12.20 23.37 -5.66
C THR C 228 -12.05 24.00 -7.05
N VAL C 229 -13.05 23.79 -7.91
CA VAL C 229 -13.03 24.40 -9.22
C VAL C 229 -12.83 25.90 -9.11
N THR C 230 -11.66 26.40 -9.52
CA THR C 230 -11.43 27.84 -9.44
C THR C 230 -11.41 28.46 -10.84
N LEU C 231 -11.79 29.72 -10.92
CA LEU C 231 -11.81 30.44 -12.19
C LEU C 231 -10.45 30.31 -12.90
N GLU C 232 -9.43 30.87 -12.28
CA GLU C 232 -8.07 30.89 -12.81
C GLU C 232 -7.66 29.53 -13.37
N LEU C 233 -7.68 28.50 -12.53
CA LEU C 233 -7.32 27.16 -13.00
C LEU C 233 -8.28 26.70 -14.09
N LEU C 234 -9.57 26.84 -13.85
CA LEU C 234 -10.58 26.47 -14.85
C LEU C 234 -10.31 27.19 -16.17
N ASP C 235 -9.94 28.47 -16.10
CA ASP C 235 -9.60 29.21 -17.30
C ASP C 235 -8.54 28.46 -18.11
N GLU C 236 -7.51 28.00 -17.40
CA GLU C 236 -6.40 27.29 -17.98
C GLU C 236 -6.82 25.95 -18.59
N LEU C 237 -7.78 25.28 -17.94
CA LEU C 237 -8.22 23.97 -18.38
C LEU C 237 -9.09 24.01 -19.63
N THR C 238 -9.70 25.16 -19.93
CA THR C 238 -10.48 25.22 -21.16
C THR C 238 -9.58 25.61 -22.33
N HIS C 239 -8.71 26.58 -22.09
CA HIS C 239 -7.67 26.97 -23.04
C HIS C 239 -6.94 25.74 -23.57
N GLU C 240 -6.52 24.86 -22.66
CA GLU C 240 -5.87 23.61 -23.04
C GLU C 240 -6.70 22.88 -24.11
N PHE C 241 -8.01 22.89 -23.90
CA PHE C 241 -8.97 22.31 -24.85
C PHE C 241 -8.87 23.04 -26.19
N LEU C 242 -8.40 24.28 -26.15
CA LEU C 242 -8.15 25.07 -27.35
C LEU C 242 -6.81 24.69 -27.97
N GLN C 243 -6.22 23.60 -27.47
CA GLN C 243 -4.93 23.13 -27.99
C GLN C 243 -5.12 22.01 -29.00
N ILE C 244 -5.88 20.99 -28.60
CA ILE C 244 -6.14 19.86 -29.49
C ILE C 244 -7.10 20.26 -30.61
N LEU C 245 -8.15 20.98 -30.25
CA LEU C 245 -9.11 21.46 -31.24
C LEU C 245 -8.42 22.36 -32.26
N GLU C 246 -7.50 23.19 -31.76
CA GLU C 246 -6.82 24.15 -32.62
C GLU C 246 -6.17 23.46 -33.81
N LYS C 247 -5.60 22.28 -33.61
CA LYS C 247 -4.89 21.64 -34.72
C LYS C 247 -5.62 20.44 -35.29
N THR C 248 -6.34 19.68 -34.47
CA THR C 248 -7.04 18.52 -35.05
C THR C 248 -7.97 19.02 -36.15
N PRO C 249 -7.63 18.73 -37.40
CA PRO C 249 -8.39 19.21 -38.56
C PRO C 249 -9.51 18.25 -38.95
N ASN C 250 -9.90 17.37 -38.03
CA ASN C 250 -10.94 16.40 -38.33
C ASN C 250 -12.28 16.78 -37.69
N ARG C 251 -12.28 16.85 -36.36
CA ARG C 251 -13.50 17.14 -35.61
C ARG C 251 -13.64 18.63 -35.32
N LEU C 252 -12.51 19.34 -35.32
CA LEU C 252 -12.52 20.78 -35.10
C LEU C 252 -13.52 21.47 -36.02
N LYS C 253 -13.47 21.08 -37.29
CA LYS C 253 -14.39 21.60 -38.29
C LYS C 253 -15.83 21.24 -37.96
N ARG C 254 -16.02 20.20 -37.15
CA ARG C 254 -17.36 19.81 -36.72
C ARG C 254 -17.97 20.91 -35.87
N ILE C 255 -17.26 21.25 -34.80
CA ILE C 255 -17.63 22.35 -33.92
C ILE C 255 -17.41 23.69 -34.61
N TRP C 256 -16.73 23.64 -35.75
CA TRP C 256 -16.52 24.85 -36.54
C TRP C 256 -17.86 25.30 -37.13
N ASN C 257 -18.78 24.36 -37.26
CA ASN C 257 -20.09 24.60 -37.85
C ASN C 257 -21.23 23.93 -37.10
N TRP C 258 -20.92 23.07 -36.12
CA TRP C 258 -21.98 22.40 -35.38
C TRP C 258 -22.75 23.41 -34.52
N ARG C 259 -22.15 24.58 -34.31
CA ARG C 259 -22.80 25.64 -33.55
C ARG C 259 -23.68 26.48 -34.49
N ALA C 260 -23.97 25.90 -35.64
CA ALA C 260 -24.78 26.55 -36.67
C ALA C 260 -26.24 26.15 -36.58
N CYS C 261 -26.63 25.50 -35.47
CA CYS C 261 -28.02 25.06 -35.39
C CYS C 261 -28.60 24.89 -33.99
N GLU C 262 -28.53 25.93 -33.17
CA GLU C 262 -29.18 25.90 -31.85
C GLU C 262 -30.06 27.14 -31.70
N ALA C 263 -29.58 28.23 -32.28
CA ALA C 263 -30.25 29.51 -32.28
C ALA C 263 -30.95 29.78 -33.61
N ASN D 8 11.18 13.31 -4.91
CA ASN D 8 11.07 11.88 -4.60
C ASN D 8 9.86 11.62 -3.71
N ASN D 9 9.39 10.38 -3.66
CA ASN D 9 9.88 9.29 -4.50
C ASN D 9 8.67 8.74 -5.29
N LYS D 10 7.52 9.29 -4.86
CA LYS D 10 6.19 8.96 -5.31
C LYS D 10 5.16 9.36 -4.26
N ARG D 11 3.92 9.59 -4.67
CA ARG D 11 2.87 9.98 -3.73
C ARG D 11 3.09 11.40 -3.23
N TRP D 12 4.06 12.10 -3.82
CA TRP D 12 4.42 13.45 -3.38
C TRP D 12 4.00 14.52 -4.39
N TYR D 13 4.08 14.18 -5.66
CA TYR D 13 3.60 15.10 -6.70
C TYR D 13 2.08 14.98 -6.81
N PHE D 14 1.39 16.09 -6.59
CA PHE D 14 -0.07 16.17 -6.69
C PHE D 14 -0.49 16.81 -8.02
N THR D 15 -1.76 16.64 -8.37
CA THR D 15 -2.31 17.24 -9.58
C THR D 15 -2.55 18.73 -9.37
N ARG D 16 -3.34 19.35 -10.26
CA ARG D 16 -3.64 20.77 -10.05
C ARG D 16 -4.87 20.91 -9.15
N GLU D 17 -6.01 20.38 -9.60
CA GLU D 17 -7.21 20.37 -8.78
C GLU D 17 -6.91 19.78 -7.40
N GLN D 18 -6.02 18.79 -7.37
CA GLN D 18 -5.57 18.20 -6.11
C GLN D 18 -4.75 19.21 -5.32
N LEU D 19 -4.14 20.16 -6.03
CA LEU D 19 -3.39 21.24 -5.40
C LEU D 19 -4.31 22.42 -5.12
N GLU D 20 -5.53 22.34 -5.65
CA GLU D 20 -6.56 23.30 -5.31
C GLU D 20 -7.26 22.87 -4.02
N ASN D 21 -7.57 21.57 -3.98
CA ASN D 21 -8.30 20.96 -2.88
C ASN D 21 -7.36 20.58 -1.74
N SER D 22 -6.58 21.57 -1.32
CA SER D 22 -5.64 21.36 -0.22
C SER D 22 -6.37 21.18 1.10
N PRO D 23 -5.71 20.62 2.10
CA PRO D 23 -6.33 20.47 3.42
C PRO D 23 -6.78 21.84 3.96
N SER D 24 -6.05 22.88 3.57
CA SER D 24 -6.33 24.23 4.09
C SER D 24 -7.64 24.75 3.54
N ARG D 25 -8.11 24.17 2.44
CA ARG D 25 -9.36 24.60 1.83
C ARG D 25 -10.56 24.24 2.73
N ARG D 26 -10.57 22.96 3.08
CA ARG D 26 -11.59 22.30 3.88
C ARG D 26 -11.80 22.94 5.24
N PHE D 27 -10.76 23.57 5.80
CA PHE D 27 -10.91 24.20 7.11
C PHE D 27 -11.37 25.66 7.00
N GLY D 28 -10.72 26.42 6.13
CA GLY D 28 -11.08 27.82 5.95
C GLY D 28 -9.87 28.68 5.66
N VAL D 29 -9.17 28.39 4.57
CA VAL D 29 -8.07 29.21 4.10
C VAL D 29 -8.20 29.45 2.59
N ASP D 30 -8.18 30.71 2.20
CA ASP D 30 -8.24 31.12 0.80
C ASP D 30 -7.12 30.47 -0.01
N PRO D 31 -7.43 30.08 -1.24
CA PRO D 31 -6.45 29.41 -2.10
C PRO D 31 -5.16 30.21 -2.19
N ASP D 32 -5.29 31.54 -2.26
CA ASP D 32 -4.13 32.42 -2.22
C ASP D 32 -3.55 32.46 -0.80
N LYS D 33 -4.42 32.34 0.19
CA LYS D 33 -4.01 32.43 1.58
C LYS D 33 -3.03 31.32 1.95
N GLU D 34 -3.44 30.06 1.75
CA GLU D 34 -2.51 28.97 2.05
C GLU D 34 -1.22 29.14 1.23
N LEU D 35 -1.38 29.69 0.03
CA LEU D 35 -0.27 29.96 -0.86
C LEU D 35 0.62 31.05 -0.29
N SER D 36 0.02 31.92 0.53
CA SER D 36 0.72 33.02 1.17
C SER D 36 1.51 32.51 2.38
N TYR D 37 0.87 31.62 3.11
CA TYR D 37 1.45 30.93 4.26
C TYR D 37 2.78 30.26 3.89
N ARG D 38 2.73 29.44 2.86
CA ARG D 38 3.88 28.68 2.39
C ARG D 38 5.08 29.60 2.13
N GLN D 39 5.03 30.30 1.01
CA GLN D 39 6.05 31.23 0.57
C GLN D 39 6.56 32.10 1.73
N GLN D 40 5.62 32.59 2.52
CA GLN D 40 5.93 33.42 3.67
C GLN D 40 6.75 32.63 4.69
N ALA D 41 6.30 31.41 4.96
CA ALA D 41 6.97 30.50 5.88
C ALA D 41 8.40 30.23 5.43
N ALA D 42 8.62 30.32 4.12
CA ALA D 42 9.94 30.15 3.53
C ALA D 42 10.85 31.32 3.92
N ASN D 43 10.24 32.46 4.23
CA ASN D 43 11.01 33.61 4.69
C ASN D 43 11.56 33.36 6.09
N LEU D 44 10.87 32.52 6.84
CA LEU D 44 11.30 32.15 8.19
C LEU D 44 12.14 30.88 8.13
N LEU D 45 12.70 30.60 6.96
CA LEU D 45 13.54 29.42 6.79
C LEU D 45 14.90 29.81 6.23
N GLN D 46 14.88 30.79 5.34
CA GLN D 46 16.05 31.34 4.67
C GLN D 46 16.75 32.39 5.53
N ASP D 47 16.04 33.49 5.78
CA ASP D 47 16.57 34.59 6.57
C ASP D 47 16.54 34.24 8.07
N MET D 48 16.02 33.05 8.35
CA MET D 48 16.00 32.51 9.72
C MET D 48 17.20 31.59 9.94
N GLY D 49 17.39 30.67 9.00
CA GLY D 49 18.50 29.74 9.03
C GLY D 49 19.83 30.46 8.82
N GLN D 50 19.75 31.68 8.31
CA GLN D 50 20.92 32.52 8.08
C GLN D 50 21.53 32.96 9.42
N ARG D 51 20.71 32.82 10.45
CA ARG D 51 21.10 33.05 11.84
C ARG D 51 21.74 31.79 12.43
N LEU D 52 21.29 30.64 11.96
CA LEU D 52 21.91 29.36 12.24
C LEU D 52 23.06 29.08 11.27
N ASN D 53 23.27 29.98 10.31
CA ASN D 53 24.44 29.91 9.45
C ASN D 53 24.47 28.65 8.60
N VAL D 54 23.33 27.99 8.41
CA VAL D 54 23.32 26.70 7.72
C VAL D 54 23.40 26.86 6.21
N SER D 55 23.84 25.79 5.54
CA SER D 55 24.02 25.78 4.11
C SER D 55 22.71 26.00 3.36
N GLN D 56 22.77 26.84 2.33
CA GLN D 56 21.62 27.19 1.52
C GLN D 56 20.82 25.95 1.10
N LEU D 57 21.52 24.89 0.76
CA LEU D 57 20.89 23.64 0.35
C LEU D 57 20.35 22.87 1.56
N THR D 58 20.89 23.20 2.73
CA THR D 58 20.40 22.66 4.00
C THR D 58 19.03 23.24 4.34
N ILE D 59 18.80 24.47 3.90
CA ILE D 59 17.54 25.17 4.07
C ILE D 59 16.55 24.82 2.96
N ASN D 60 17.07 24.73 1.74
CA ASN D 60 16.25 24.35 0.60
C ASN D 60 15.46 23.08 0.88
N THR D 61 16.11 22.11 1.49
CA THR D 61 15.46 20.85 1.85
C THR D 61 14.34 21.10 2.87
N ALA D 62 14.55 22.10 3.72
CA ALA D 62 13.60 22.44 4.76
C ALA D 62 12.25 22.87 4.17
N ILE D 63 12.29 23.79 3.20
CA ILE D 63 11.03 24.25 2.61
C ILE D 63 10.25 23.08 2.03
N VAL D 64 11.00 22.10 1.51
CA VAL D 64 10.42 20.95 0.84
C VAL D 64 9.52 20.15 1.79
N TYR D 65 9.91 20.10 3.04
CA TYR D 65 9.21 19.37 4.10
C TYR D 65 7.91 20.08 4.49
N MET D 66 7.99 21.40 4.59
CA MET D 66 6.85 22.26 4.84
C MET D 66 5.84 22.16 3.69
N HIS D 67 6.36 22.22 2.46
CA HIS D 67 5.54 22.20 1.27
C HIS D 67 4.75 20.91 1.17
N ARG D 68 5.35 19.80 1.58
CA ARG D 68 4.70 18.49 1.56
C ARG D 68 3.81 18.30 2.79
N PHE D 69 4.37 18.63 3.94
CA PHE D 69 3.74 18.49 5.24
C PHE D 69 2.27 18.90 5.22
N TYR D 70 2.00 20.05 4.58
CA TYR D 70 0.64 20.61 4.64
C TYR D 70 -0.24 20.07 3.54
N MET D 71 0.19 19.01 2.83
CA MET D 71 -0.74 18.35 1.92
C MET D 71 -1.35 17.12 2.60
N ILE D 72 -1.17 17.08 3.91
CA ILE D 72 -1.68 16.03 4.78
C ILE D 72 -1.99 16.60 6.17
N GLN D 73 -1.42 17.77 6.45
CA GLN D 73 -1.77 18.52 7.65
C GLN D 73 -2.49 19.81 7.29
N SER D 74 -2.39 20.82 8.16
CA SER D 74 -3.02 22.10 7.90
C SER D 74 -2.20 23.28 8.43
N PHE D 75 -2.44 24.45 7.88
CA PHE D 75 -1.77 25.68 8.29
C PHE D 75 -2.48 26.31 9.49
N THR D 76 -3.75 25.94 9.66
CA THR D 76 -4.59 26.52 10.70
C THR D 76 -4.24 25.94 12.08
N ARG D 77 -4.03 24.63 12.13
CA ARG D 77 -3.70 23.95 13.36
C ARG D 77 -2.24 24.15 13.72
N PHE D 78 -1.36 23.71 12.85
CA PHE D 78 0.08 23.72 13.04
C PHE D 78 0.71 24.96 12.42
N PRO D 79 0.97 25.98 13.24
CA PRO D 79 1.49 27.24 12.74
C PRO D 79 2.96 27.14 12.33
N GLY D 80 3.28 27.70 11.17
CA GLY D 80 4.64 27.72 10.65
C GLY D 80 5.61 28.34 11.64
N ASN D 81 5.10 29.22 12.49
CA ASN D 81 5.84 29.89 13.54
C ASN D 81 6.80 28.94 14.25
N SER D 82 6.34 27.72 14.48
CA SER D 82 7.15 26.68 15.09
C SER D 82 7.47 25.56 14.10
N VAL D 83 6.63 25.41 13.09
CA VAL D 83 6.78 24.38 12.08
C VAL D 83 8.11 24.50 11.32
N ALA D 84 8.57 25.73 11.13
CA ALA D 84 9.84 25.93 10.42
C ALA D 84 11.00 25.35 11.23
N PRO D 85 11.20 25.75 12.47
CA PRO D 85 12.34 25.21 13.24
C PRO D 85 12.22 23.69 13.38
N ALA D 86 10.99 23.20 13.33
CA ALA D 86 10.76 21.75 13.42
C ALA D 86 11.29 21.06 12.17
N ALA D 87 10.90 21.58 11.01
CA ALA D 87 11.37 21.07 9.73
C ALA D 87 12.80 21.52 9.46
N LEU D 88 13.21 22.59 10.14
CA LEU D 88 14.55 23.14 10.04
C LEU D 88 15.52 22.36 10.92
N PHE D 89 15.04 21.22 11.42
CA PHE D 89 15.82 20.30 12.23
C PHE D 89 16.08 19.01 11.46
N LEU D 90 15.05 18.52 10.78
CA LEU D 90 15.16 17.32 9.96
C LEU D 90 16.14 17.53 8.81
N ALA D 91 16.07 18.72 8.22
CA ALA D 91 17.00 19.09 7.15
C ALA D 91 18.43 19.16 7.68
N ALA D 92 18.59 19.87 8.78
CA ALA D 92 19.86 20.06 9.45
C ALA D 92 20.63 18.76 9.58
N LYS D 93 20.16 17.90 10.47
CA LYS D 93 20.80 16.61 10.74
C LYS D 93 21.05 15.84 9.45
N VAL D 94 20.03 15.76 8.60
CA VAL D 94 20.16 15.07 7.32
C VAL D 94 21.39 15.57 6.59
N GLU D 95 21.62 16.87 6.70
CA GLU D 95 22.93 17.42 6.31
C GLU D 95 23.86 17.13 7.47
N GLU D 96 25.14 16.87 7.23
CA GLU D 96 26.00 16.43 8.32
C GLU D 96 26.08 17.43 9.47
N GLN D 97 25.70 18.69 9.27
CA GLN D 97 25.85 19.70 10.31
C GLN D 97 24.50 20.30 10.70
N PRO D 98 23.81 19.61 11.61
CA PRO D 98 22.59 20.15 12.20
C PRO D 98 22.89 21.16 13.30
N LYS D 99 21.86 21.54 14.05
CA LYS D 99 22.01 22.49 15.12
C LYS D 99 21.27 22.04 16.38
N LYS D 100 21.55 22.67 17.51
CA LYS D 100 20.97 22.25 18.77
C LYS D 100 19.49 22.56 18.85
N LEU D 101 18.75 21.66 19.49
CA LEU D 101 17.31 21.84 19.66
C LEU D 101 17.02 23.15 20.39
N GLU D 102 17.96 23.59 21.21
CA GLU D 102 17.78 24.82 21.99
C GLU D 102 18.09 26.05 21.15
N HIS D 103 19.07 25.95 20.26
CA HIS D 103 19.44 27.09 19.41
C HIS D 103 18.50 27.19 18.23
N VAL D 104 18.04 26.04 17.73
CA VAL D 104 17.15 26.05 16.57
C VAL D 104 15.92 26.88 16.87
N ILE D 105 15.49 26.83 18.13
CA ILE D 105 14.38 27.65 18.60
C ILE D 105 14.87 28.99 19.13
N LYS D 106 16.13 29.04 19.54
CA LYS D 106 16.69 30.29 20.03
C LYS D 106 17.25 31.12 18.87
N VAL D 107 16.81 30.74 17.67
CA VAL D 107 17.06 31.46 16.43
C VAL D 107 15.74 32.01 15.91
N ALA D 108 14.68 31.31 16.27
CA ALA D 108 13.31 31.69 15.96
C ALA D 108 12.93 32.98 16.69
N HIS D 109 13.20 33.04 17.98
CA HIS D 109 12.91 34.25 18.75
C HIS D 109 13.59 35.46 18.13
N THR D 110 14.91 35.39 17.95
CA THR D 110 15.68 36.49 17.41
C THR D 110 15.24 36.85 15.99
N CYS D 111 14.56 35.92 15.33
CA CYS D 111 14.01 36.19 14.00
C CYS D 111 12.57 36.68 14.08
N LEU D 112 11.74 35.96 14.81
CA LEU D 112 10.31 36.26 14.91
C LEU D 112 10.08 37.47 15.82
N HIS D 113 10.46 37.32 17.09
CA HIS D 113 10.30 38.38 18.08
C HIS D 113 11.64 39.01 18.41
N PRO D 114 12.05 39.97 17.58
CA PRO D 114 13.31 40.68 17.79
C PRO D 114 13.20 41.80 18.81
N GLN D 115 12.12 41.79 19.59
CA GLN D 115 11.91 42.78 20.63
C GLN D 115 11.65 42.15 21.99
N GLU D 116 10.97 41.00 22.03
CA GLU D 116 10.68 40.34 23.29
C GLU D 116 11.97 39.86 23.97
N SER D 117 12.00 39.93 25.29
CA SER D 117 13.18 39.61 26.08
C SER D 117 13.79 38.27 25.68
N LEU D 118 15.08 38.10 25.97
CA LEU D 118 15.78 36.85 25.69
C LEU D 118 15.10 35.67 26.37
N PRO D 119 15.05 34.55 25.67
CA PRO D 119 14.43 33.33 26.21
C PRO D 119 15.23 32.77 27.38
N ASP D 120 14.64 31.80 28.08
CA ASP D 120 15.30 31.20 29.23
C ASP D 120 15.35 29.67 29.12
N THR D 121 16.50 29.09 29.45
CA THR D 121 16.72 27.67 29.34
C THR D 121 15.92 26.88 30.35
N ARG D 122 15.56 27.51 31.47
CA ARG D 122 14.81 26.80 32.51
C ARG D 122 13.43 27.40 32.70
N SER D 123 12.78 27.80 31.61
CA SER D 123 11.47 28.44 31.66
C SER D 123 10.38 27.52 31.10
N GLU D 124 9.22 27.57 31.67
CA GLU D 124 8.14 26.73 31.15
C GLU D 124 7.87 27.05 29.69
N ALA D 125 8.14 28.28 29.28
CA ALA D 125 8.00 28.70 27.89
C ALA D 125 9.10 28.10 27.01
N TYR D 126 10.10 27.51 27.63
CA TYR D 126 11.20 26.87 26.91
C TYR D 126 11.11 25.36 27.01
N LEU D 127 10.85 24.87 28.24
CA LEU D 127 10.65 23.44 28.45
C LEU D 127 9.42 22.95 27.71
N GLN D 128 8.39 23.78 27.67
CA GLN D 128 7.13 23.39 27.01
C GLN D 128 7.36 23.07 25.54
N GLN D 129 7.85 24.06 24.79
CA GLN D 129 8.05 23.91 23.35
C GLN D 129 9.29 23.06 23.05
N VAL D 130 9.97 22.63 24.11
CA VAL D 130 11.05 21.64 24.01
C VAL D 130 10.53 20.29 23.57
N GLN D 131 9.47 19.81 24.21
CA GLN D 131 8.88 18.53 23.90
C GLN D 131 8.16 18.54 22.54
N ASP D 132 7.60 19.70 22.22
CA ASP D 132 6.93 19.90 20.93
C ASP D 132 7.89 19.74 19.76
N LEU D 133 9.10 20.29 19.88
CA LEU D 133 10.05 20.26 18.78
C LEU D 133 10.60 18.86 18.57
N VAL D 134 10.30 17.97 19.51
CA VAL D 134 10.67 16.57 19.38
C VAL D 134 9.41 15.71 19.29
N ILE D 135 8.26 16.37 19.37
CA ILE D 135 6.98 15.72 19.23
C ILE D 135 6.38 16.01 17.85
N LEU D 136 6.44 17.29 17.48
CA LEU D 136 5.96 17.74 16.17
C LEU D 136 6.95 17.29 15.09
N GLU D 137 8.21 17.20 15.47
CA GLU D 137 9.25 16.65 14.60
C GLU D 137 8.93 15.20 14.26
N SER D 138 8.20 14.55 15.15
CA SER D 138 7.77 13.17 14.99
C SER D 138 6.53 13.07 14.13
N ILE D 139 5.62 14.04 14.34
CA ILE D 139 4.39 14.13 13.57
C ILE D 139 4.71 14.23 12.08
N ILE D 140 5.85 14.84 11.77
CA ILE D 140 6.31 15.02 10.40
C ILE D 140 7.21 13.86 9.98
N LEU D 141 7.98 13.34 10.93
CA LEU D 141 8.80 12.16 10.68
C LEU D 141 7.94 11.01 10.19
N GLN D 142 6.73 10.90 10.76
CA GLN D 142 5.72 9.99 10.33
C GLN D 142 4.85 10.53 9.17
N THR D 143 4.68 11.85 9.13
CA THR D 143 3.79 12.40 8.11
C THR D 143 4.36 12.17 6.72
N LEU D 144 5.68 12.26 6.62
CA LEU D 144 6.35 12.23 5.32
C LEU D 144 6.70 10.82 4.86
N GLY D 145 6.04 9.81 5.44
CA GLY D 145 6.40 8.42 5.19
C GLY D 145 7.89 8.18 5.42
N PHE D 146 8.40 8.82 6.45
CA PHE D 146 9.79 8.80 6.84
C PHE D 146 10.71 9.01 5.63
N GLU D 147 10.30 9.83 4.67
CA GLU D 147 11.14 10.19 3.55
C GLU D 147 11.98 11.42 3.87
N LEU D 148 13.15 11.24 4.46
CA LEU D 148 14.09 12.34 4.63
C LEU D 148 14.70 12.74 3.29
N THR D 149 14.95 11.75 2.45
CA THR D 149 15.50 11.91 1.12
C THR D 149 14.59 12.74 0.22
N ILE D 150 15.07 13.93 -0.13
CA ILE D 150 14.34 14.81 -1.03
C ILE D 150 15.31 15.54 -1.96
N ASP D 151 15.10 15.41 -3.26
CA ASP D 151 15.99 15.96 -4.26
C ASP D 151 15.71 17.42 -4.54
N HIS D 152 16.63 18.10 -5.22
CA HIS D 152 16.55 19.52 -5.42
C HIS D 152 16.73 19.94 -6.88
N PRO D 153 16.16 21.09 -7.21
CA PRO D 153 16.23 21.66 -8.55
C PRO D 153 17.50 22.45 -8.78
N HIS D 154 18.54 22.14 -8.01
CA HIS D 154 19.82 22.82 -8.10
C HIS D 154 20.86 21.96 -8.82
N THR D 155 21.03 20.74 -8.34
CA THR D 155 22.02 19.78 -8.79
C THR D 155 22.11 19.73 -10.31
N HIS D 156 20.97 19.73 -10.96
CA HIS D 156 20.92 19.72 -12.43
C HIS D 156 21.46 21.05 -12.96
N VAL D 157 21.02 22.13 -12.35
CA VAL D 157 21.39 23.48 -12.78
C VAL D 157 22.90 23.63 -12.85
N VAL D 158 23.59 23.10 -11.85
CA VAL D 158 25.05 23.17 -11.83
C VAL D 158 25.65 22.53 -13.07
N LYS D 159 25.62 21.21 -13.09
CA LYS D 159 26.17 20.41 -14.18
C LYS D 159 25.69 20.89 -15.53
N CYS D 160 24.40 21.16 -15.65
CA CYS D 160 23.83 21.65 -16.90
C CYS D 160 24.56 22.89 -17.40
N THR D 161 24.96 23.76 -16.50
CA THR D 161 25.69 24.96 -16.83
C THR D 161 27.19 24.70 -16.93
N GLN D 162 27.60 23.49 -16.56
CA GLN D 162 28.99 23.08 -16.65
C GLN D 162 29.22 22.30 -17.95
N LEU D 163 28.22 21.50 -18.31
CA LEU D 163 28.28 20.64 -19.48
C LEU D 163 28.29 21.45 -20.78
N VAL D 164 27.72 22.65 -20.72
CA VAL D 164 27.70 23.50 -21.91
C VAL D 164 28.74 24.60 -21.81
N ARG D 165 29.38 24.71 -20.65
CA ARG D 165 30.43 25.68 -20.41
C ARG D 165 29.87 27.08 -20.20
N ALA D 166 28.64 27.17 -19.70
CA ALA D 166 27.99 28.46 -19.53
C ALA D 166 28.83 29.37 -18.67
N SER D 167 28.62 30.69 -18.78
CA SER D 167 29.37 31.67 -18.03
C SER D 167 28.93 31.73 -16.58
N LYS D 168 29.57 32.58 -15.79
CA LYS D 168 29.30 32.74 -14.38
C LYS D 168 28.09 33.64 -14.13
N ASP D 169 28.06 34.79 -14.80
CA ASP D 169 26.91 35.70 -14.66
C ASP D 169 25.61 34.97 -14.97
N LEU D 170 25.63 34.16 -16.04
CA LEU D 170 24.42 33.46 -16.44
C LEU D 170 24.08 32.37 -15.43
N ALA D 171 25.10 31.63 -15.03
CA ALA D 171 24.92 30.55 -14.04
C ALA D 171 24.18 31.08 -12.82
N GLN D 172 24.61 32.23 -12.34
CA GLN D 172 24.01 32.85 -11.16
C GLN D 172 22.49 32.94 -11.33
N THR D 173 22.09 33.40 -12.50
CA THR D 173 20.68 33.53 -12.85
C THR D 173 20.00 32.17 -12.81
N SER D 174 20.78 31.13 -13.08
CA SER D 174 20.28 29.76 -13.03
C SER D 174 20.04 29.35 -11.57
N TYR D 175 21.12 29.29 -10.80
CA TYR D 175 21.05 28.88 -9.40
C TYR D 175 20.06 29.74 -8.63
N PHE D 176 20.26 31.06 -8.65
CA PHE D 176 19.43 31.98 -7.88
C PHE D 176 17.95 31.75 -8.12
N MET D 177 17.61 31.39 -9.36
CA MET D 177 16.21 31.21 -9.74
C MET D 177 15.62 29.94 -9.14
N ALA D 178 16.48 28.96 -8.87
CA ALA D 178 16.02 27.72 -8.24
C ALA D 178 15.43 27.99 -6.86
N THR D 179 16.09 28.87 -6.14
CA THR D 179 15.74 29.23 -4.76
C THR D 179 14.36 29.87 -4.65
N ASN D 180 13.80 30.28 -5.78
CA ASN D 180 12.45 30.83 -5.78
C ASN D 180 11.42 29.79 -6.20
N SER D 181 11.85 28.82 -6.99
CA SER D 181 11.03 27.69 -7.40
C SER D 181 10.50 26.92 -6.19
N LEU D 182 11.26 26.95 -5.11
CA LEU D 182 10.93 26.24 -3.88
C LEU D 182 10.05 27.08 -2.96
N HIS D 183 10.59 28.18 -2.47
CA HIS D 183 9.95 29.04 -1.50
C HIS D 183 8.59 29.53 -2.01
N LEU D 184 8.59 30.15 -3.18
CA LEU D 184 7.38 30.77 -3.73
C LEU D 184 6.39 29.73 -4.23
N THR D 185 6.74 29.05 -5.31
CA THR D 185 5.83 28.10 -5.95
C THR D 185 5.83 26.75 -5.24
N THR D 186 4.97 25.85 -5.72
CA THR D 186 4.83 24.53 -5.13
C THR D 186 5.27 23.44 -6.11
N PHE D 187 6.28 23.75 -6.92
CA PHE D 187 6.79 22.84 -7.93
C PHE D 187 7.34 21.56 -7.32
N SER D 188 7.61 21.57 -6.02
CA SER D 188 8.10 20.40 -5.31
C SER D 188 7.05 19.28 -5.28
N LEU D 189 5.78 19.67 -5.25
CA LEU D 189 4.69 18.71 -5.29
C LEU D 189 4.05 18.63 -6.68
N GLN D 190 4.60 19.39 -7.63
CA GLN D 190 4.02 19.42 -8.96
C GLN D 190 4.97 18.86 -10.02
N TYR D 191 6.27 19.08 -9.82
CA TYR D 191 7.24 18.68 -10.84
C TYR D 191 8.41 17.93 -10.22
N THR D 192 9.30 17.44 -11.09
CA THR D 192 10.49 16.72 -10.68
C THR D 192 11.72 17.62 -10.79
N PRO D 193 12.70 17.39 -9.93
CA PRO D 193 14.00 18.07 -10.00
C PRO D 193 14.56 18.12 -11.41
N PRO D 194 14.57 17.05 -12.20
CA PRO D 194 15.05 17.19 -13.58
C PRO D 194 14.10 18.00 -14.45
N VAL D 195 12.93 18.36 -13.91
CA VAL D 195 12.01 19.21 -14.64
C VAL D 195 11.86 20.58 -13.98
N VAL D 196 12.48 20.74 -12.82
CA VAL D 196 12.45 22.04 -12.14
C VAL D 196 13.69 22.86 -12.52
N ALA D 197 14.83 22.17 -12.59
CA ALA D 197 16.07 22.82 -12.97
C ALA D 197 15.98 23.37 -14.39
N CYS D 198 15.14 22.74 -15.20
CA CYS D 198 14.93 23.18 -16.58
C CYS D 198 13.98 24.37 -16.63
N VAL D 199 13.37 24.68 -15.49
CA VAL D 199 12.48 25.84 -15.41
C VAL D 199 13.26 27.08 -14.96
N CYS D 200 14.16 26.86 -14.01
CA CYS D 200 15.01 27.90 -13.48
C CYS D 200 16.10 28.31 -14.49
N ILE D 201 16.14 27.60 -15.60
CA ILE D 201 17.07 27.91 -16.68
C ILE D 201 16.36 28.59 -17.85
N HIS D 202 15.12 28.16 -18.11
CA HIS D 202 14.34 28.69 -19.23
C HIS D 202 13.73 30.04 -18.87
N LEU D 203 14.07 30.54 -17.68
CA LEU D 203 13.58 31.84 -17.24
C LEU D 203 14.67 32.90 -17.37
N ALA D 204 15.90 32.51 -17.06
CA ALA D 204 17.06 33.38 -17.22
C ALA D 204 17.42 33.52 -18.70
N CYS D 205 17.23 32.43 -19.43
CA CYS D 205 17.43 32.39 -20.87
C CYS D 205 16.73 33.58 -21.55
N LYS D 206 15.56 33.93 -21.03
CA LYS D 206 14.88 35.13 -21.52
C LYS D 206 15.44 36.36 -20.80
N TRP D 207 15.45 36.28 -19.48
CA TRP D 207 15.87 37.39 -18.62
C TRP D 207 17.23 37.94 -19.03
N SER D 208 18.18 37.05 -19.27
CA SER D 208 19.53 37.46 -19.64
C SER D 208 19.64 37.64 -21.15
N ASN D 209 18.65 37.14 -21.88
CA ASN D 209 18.65 37.14 -23.34
C ASN D 209 19.65 36.12 -23.87
N TRP D 210 19.40 34.84 -23.57
CA TRP D 210 20.28 33.78 -23.99
C TRP D 210 19.57 32.72 -24.82
N GLU D 211 20.35 31.77 -25.30
CA GLU D 211 19.98 30.53 -25.95
C GLU D 211 21.24 29.68 -26.15
N ILE D 212 21.39 28.62 -25.37
CA ILE D 212 22.63 27.85 -25.41
C ILE D 212 22.62 26.78 -26.49
N PRO D 213 23.40 27.00 -27.55
CA PRO D 213 23.56 25.97 -28.59
C PRO D 213 24.06 24.69 -27.95
N VAL D 214 23.44 23.56 -28.26
CA VAL D 214 23.97 22.29 -27.77
C VAL D 214 24.32 21.28 -28.84
N SER D 215 24.27 20.02 -28.43
CA SER D 215 24.61 18.78 -29.05
C SER D 215 24.42 18.78 -30.57
N THR D 216 25.35 18.11 -31.25
CA THR D 216 25.45 18.20 -32.70
C THR D 216 24.76 17.00 -33.37
N ASP D 217 23.76 16.51 -32.67
CA ASP D 217 22.97 15.36 -33.13
C ASP D 217 21.66 15.82 -33.75
N GLY D 218 21.16 16.98 -33.31
CA GLY D 218 19.88 17.51 -33.73
C GLY D 218 18.94 17.69 -32.54
N LYS D 219 19.42 17.30 -31.37
CA LYS D 219 18.66 17.29 -30.14
C LYS D 219 18.84 18.58 -29.36
N HIS D 220 18.01 18.80 -28.34
CA HIS D 220 18.11 19.99 -27.50
C HIS D 220 18.70 19.67 -26.13
N TRP D 221 18.94 20.71 -25.34
CA TRP D 221 19.57 20.52 -24.03
C TRP D 221 18.56 20.12 -22.97
N TRP D 222 17.28 20.36 -23.21
CA TRP D 222 16.29 20.05 -22.18
C TRP D 222 15.94 18.57 -22.22
N GLU D 223 16.64 17.84 -23.08
CA GLU D 223 16.54 16.39 -23.16
C GLU D 223 17.68 15.73 -22.40
N TYR D 224 18.75 16.48 -22.19
CA TYR D 224 19.88 15.93 -21.42
C TYR D 224 19.58 15.96 -19.94
N VAL D 225 19.27 17.14 -19.39
CA VAL D 225 18.91 17.20 -17.98
C VAL D 225 17.72 16.27 -17.71
N ASP D 226 16.86 16.13 -18.71
CA ASP D 226 15.66 15.31 -18.67
C ASP D 226 15.18 14.99 -20.08
N ALA D 227 15.07 13.70 -20.38
CA ALA D 227 14.62 13.27 -21.70
C ALA D 227 13.10 13.29 -21.83
N THR D 228 12.45 13.83 -20.80
CA THR D 228 10.99 13.92 -20.79
C THR D 228 10.54 15.36 -21.09
N VAL D 229 11.31 16.31 -20.59
CA VAL D 229 11.04 17.74 -20.72
C VAL D 229 10.58 18.11 -22.12
N THR D 230 9.66 19.08 -22.21
CA THR D 230 9.21 19.63 -23.47
C THR D 230 9.49 21.13 -23.54
N LEU D 231 9.28 21.72 -24.72
CA LEU D 231 9.40 23.15 -24.91
C LEU D 231 8.07 23.83 -24.62
N GLU D 232 7.00 23.24 -25.15
CA GLU D 232 5.65 23.71 -24.85
C GLU D 232 5.47 23.81 -23.34
N LEU D 233 5.88 22.74 -22.67
CA LEU D 233 5.88 22.65 -21.21
C LEU D 233 6.90 23.62 -20.62
N LEU D 234 8.02 23.80 -21.32
CA LEU D 234 9.07 24.70 -20.85
C LEU D 234 8.53 26.11 -20.65
N ASP D 235 7.79 26.60 -21.65
CA ASP D 235 7.13 27.89 -21.53
C ASP D 235 5.99 27.81 -20.51
N GLU D 236 5.30 26.68 -20.53
CA GLU D 236 4.18 26.42 -19.63
C GLU D 236 4.55 26.75 -18.19
N LEU D 237 5.76 26.35 -17.79
CA LEU D 237 6.23 26.63 -16.43
C LEU D 237 6.92 27.99 -16.37
N THR D 238 7.65 28.33 -17.43
CA THR D 238 8.37 29.60 -17.47
C THR D 238 7.37 30.76 -17.43
N HIS D 239 6.23 30.55 -18.07
CA HIS D 239 5.14 31.51 -18.06
C HIS D 239 4.47 31.51 -16.70
N GLU D 240 4.14 30.32 -16.20
CA GLU D 240 3.59 30.09 -14.89
C GLU D 240 4.42 30.80 -13.82
N PHE D 241 5.71 30.51 -13.83
CA PHE D 241 6.68 31.10 -12.91
C PHE D 241 6.52 32.61 -12.85
N LEU D 242 6.73 33.27 -13.99
CA LEU D 242 6.70 34.71 -14.12
C LEU D 242 5.48 35.33 -13.44
N GLN D 243 4.33 34.71 -13.67
CA GLN D 243 3.10 35.12 -13.01
C GLN D 243 3.22 34.94 -11.49
N ILE D 244 3.82 33.83 -11.08
CA ILE D 244 3.92 33.42 -9.69
C ILE D 244 4.70 34.45 -8.87
N LEU D 245 5.45 35.31 -9.54
CA LEU D 245 6.20 36.36 -8.86
C LEU D 245 5.51 37.71 -9.05
N GLU D 246 4.64 37.77 -10.06
CA GLU D 246 3.84 38.96 -10.33
C GLU D 246 2.86 39.20 -9.18
N LYS D 247 2.39 38.09 -8.61
CA LYS D 247 1.51 38.14 -7.44
C LYS D 247 2.34 38.32 -6.17
N THR D 248 3.61 38.01 -6.28
CA THR D 248 4.62 38.21 -5.26
C THR D 248 5.38 39.51 -5.52
N PRO D 249 4.82 40.62 -5.08
CA PRO D 249 5.46 41.93 -5.31
C PRO D 249 6.61 42.18 -4.33
N ASN D 250 6.91 41.16 -3.53
CA ASN D 250 7.95 41.23 -2.51
C ASN D 250 9.25 40.62 -3.01
N ARG D 251 9.21 39.34 -3.32
CA ARG D 251 10.40 38.60 -3.74
C ARG D 251 10.70 38.83 -5.22
N LEU D 252 9.72 39.30 -5.99
CA LEU D 252 9.98 39.53 -7.41
C LEU D 252 11.03 40.62 -7.62
N LYS D 253 10.68 41.83 -7.18
CA LYS D 253 11.60 42.96 -7.26
C LYS D 253 12.92 42.62 -6.58
N ARG D 254 12.85 42.01 -5.40
CA ARG D 254 14.03 41.67 -4.63
C ARG D 254 14.96 40.77 -5.42
N ILE D 255 14.35 39.98 -6.31
CA ILE D 255 15.11 39.16 -7.25
C ILE D 255 15.59 40.02 -8.41
N TRP D 256 14.70 40.90 -8.86
CA TRP D 256 14.92 41.74 -10.02
C TRP D 256 16.02 42.76 -9.75
N ASN D 257 16.08 43.27 -8.53
CA ASN D 257 17.02 44.27 -8.10
C ASN D 257 18.45 43.72 -7.98
N TRP D 258 18.55 42.40 -7.88
CA TRP D 258 19.84 41.73 -7.81
C TRP D 258 20.63 41.91 -9.09
N ARG D 259 19.92 42.29 -10.16
CA ARG D 259 20.54 42.59 -11.46
C ARG D 259 20.58 44.10 -11.68
N ALA D 260 20.52 44.83 -10.57
CA ALA D 260 20.69 46.28 -10.58
C ALA D 260 21.96 46.61 -9.81
N CYS D 261 22.09 45.95 -8.66
CA CYS D 261 23.30 45.99 -7.86
C CYS D 261 24.36 45.09 -8.50
N GLU D 262 23.93 44.37 -9.53
CA GLU D 262 24.76 43.48 -10.32
C GLU D 262 25.55 44.27 -11.37
N ALA D 263 25.78 45.55 -11.09
CA ALA D 263 26.54 46.47 -11.91
C ALA D 263 26.31 47.92 -11.46
#